data_7ZZS
#
_entry.id   7ZZS
#
_cell.length_a   92.497
_cell.length_b   98.658
_cell.length_c   139.192
_cell.angle_alpha   90.000
_cell.angle_beta   90.000
_cell.angle_gamma   90.000
#
_symmetry.space_group_name_H-M   'P 21 21 21'
#
loop_
_entity.id
_entity.type
_entity.pdbx_description
1 polymer 'Histone deacetylase 2'
2 non-polymer 'ZINC ION'
3 non-polymer 'CALCIUM ION'
4 non-polymer 'SODIUM ION'
5 non-polymer DI(HYDROXYETHYL)ETHER
6 non-polymer 1,2-ETHANEDIOL
7 non-polymer 'OCTANEDIOIC ACID HYDROXYAMIDE PHENYLAMIDE'
8 non-polymer (5~{S})-5-(4-chlorophenyl)pyrrolidin-2-one
9 non-polymer 2-(cyclohexylazaniumyl)ethanesulfonate
10 non-polymer 'TETRAETHYLENE GLYCOL'
11 water water
#
_entity_poly.entity_id   1
_entity_poly.type   'polypeptide(L)'
_entity_poly.pdbx_seq_one_letter_code
;MAYSQGGGKKKVCYYYDGDIGNYYYGQGHPMKPHRIRMTHNLLLNYGLYRKMEIYRPHKATAEEMTKYHSDEYIKFLRSI
RPDNMSEYSKQMQRFNVGEDCPVFDGLFEFCQLSTGGSVAGAVKLNRQQTDMAVNWAGGLHHAKKSEASGFCYVNDIVLA
ILELLKYHQRVLYIDIDIHHGDGVEEAFYTTDRVMTVSFHKYGEYFPGTGDLRDIGAGKGKYYAVNFPMRDGIDDESYGQ
IFKPIISKVMEMYQPSAVVLQCGADSLSGDRLGCFNLTVKGHAKCVEVVKTFNLPLLMLGGGGYTIRNVARCWTYETAVA
LDCEIPNELPYNDYFEYFGPDFKLHISPSNMTNQNTPEYMEKIKQRLFENLRMLPHAPGVQMQAIPEDAVHEDSGDEDGE
DPDKRISIRASDKRIACDEEFSDSEDEGEGGRRNVADHKKGAKKARIEEDKKETEDKKTDVKEEDKSKDNSGEKTDTKGT
KSEQLSNPGSSGHHHHHH
;
_entity_poly.pdbx_strand_id   A,B,C
#
# COMPACT_ATOMS: atom_id res chain seq x y z
N GLY A 7 -1.99 48.33 -8.86
CA GLY A 7 -1.13 47.35 -9.58
C GLY A 7 -1.93 46.33 -10.35
N GLY A 8 -3.22 46.61 -10.56
CA GLY A 8 -4.12 45.75 -11.27
C GLY A 8 -4.68 44.64 -10.39
N LYS A 9 -5.75 44.03 -10.88
CA LYS A 9 -6.22 42.78 -10.36
C LYS A 9 -5.19 41.68 -10.71
N LYS A 10 -5.07 40.72 -9.84
CA LYS A 10 -4.01 39.73 -9.95
C LYS A 10 -4.64 38.40 -10.39
N LYS A 11 -3.87 37.61 -11.11
CA LYS A 11 -4.26 36.23 -11.38
C LYS A 11 -4.01 35.41 -10.12
N VAL A 12 -5.01 34.63 -9.71
CA VAL A 12 -4.97 33.77 -8.55
C VAL A 12 -5.15 32.31 -8.99
N CYS A 13 -4.22 31.48 -8.55
CA CYS A 13 -4.35 30.03 -8.70
C CYS A 13 -4.55 29.44 -7.28
N TYR A 14 -5.47 28.51 -7.14
CA TYR A 14 -5.91 28.02 -5.86
C TYR A 14 -5.84 26.49 -5.88
N TYR A 15 -5.24 25.92 -4.86
CA TYR A 15 -4.91 24.48 -4.78
C TYR A 15 -5.84 23.84 -3.74
N TYR A 16 -6.55 22.80 -4.13
CA TYR A 16 -7.45 22.08 -3.23
C TYR A 16 -7.57 20.61 -3.66
N ASP A 17 -7.42 19.71 -2.71
CA ASP A 17 -7.81 18.33 -2.94
C ASP A 17 -8.98 17.96 -2.04
N GLY A 18 -10.10 17.53 -2.62
CA GLY A 18 -11.33 17.19 -1.91
C GLY A 18 -11.17 16.02 -0.94
N ASP A 19 -10.10 15.26 -1.02
CA ASP A 19 -9.82 14.21 -0.04
C ASP A 19 -9.35 14.76 1.32
N ILE A 20 -8.80 15.95 1.33
CA ILE A 20 -8.14 16.52 2.50
C ILE A 20 -9.07 16.47 3.73
N GLY A 21 -10.35 16.72 3.52
CA GLY A 21 -11.27 16.85 4.65
C GLY A 21 -11.62 15.53 5.30
N ASN A 22 -11.15 14.41 4.75
CA ASN A 22 -11.47 13.12 5.27
C ASN A 22 -10.41 12.59 6.26
N TYR A 23 -9.26 13.25 6.39
CA TYR A 23 -8.23 12.84 7.34
C TYR A 23 -8.65 13.28 8.74
N TYR A 24 -8.34 12.44 9.72
CA TYR A 24 -8.88 12.58 11.06
C TYR A 24 -7.76 12.35 12.08
N TYR A 25 -7.50 13.38 12.90
CA TYR A 25 -6.47 13.35 13.94
C TYR A 25 -6.91 12.49 15.14
N GLY A 26 -8.19 12.24 15.32
CA GLY A 26 -8.65 11.41 16.39
C GLY A 26 -9.60 12.14 17.32
N GLN A 27 -10.32 11.37 18.13
CA GLN A 27 -11.34 11.93 19.01
C GLN A 27 -10.71 12.95 19.96
N GLY A 28 -11.26 14.13 20.06
CA GLY A 28 -10.79 15.12 20.99
C GLY A 28 -9.66 15.99 20.43
N HIS A 29 -9.09 15.67 19.26
CA HIS A 29 -7.99 16.49 18.75
C HIS A 29 -8.59 17.74 18.09
N PRO A 30 -8.08 18.92 18.47
CA PRO A 30 -8.66 20.16 17.96
C PRO A 30 -8.39 20.45 16.48
N MET A 31 -7.38 19.84 15.87
CA MET A 31 -7.10 20.09 14.45
C MET A 31 -8.05 19.26 13.58
N LYS A 32 -8.88 19.95 12.80
CA LYS A 32 -9.95 19.32 12.00
C LYS A 32 -9.76 19.65 10.50
N PRO A 33 -9.10 18.76 9.75
CA PRO A 33 -8.88 19.02 8.29
C PRO A 33 -10.16 19.30 7.49
N HIS A 34 -11.27 18.84 8.02
CA HIS A 34 -12.61 19.14 7.54
C HIS A 34 -12.82 20.65 7.35
N ARG A 35 -12.14 21.47 8.14
CA ARG A 35 -12.25 22.93 7.98
C ARG A 35 -11.84 23.38 6.56
N ILE A 36 -10.95 22.65 5.88
CA ILE A 36 -10.53 23.03 4.51
C ILE A 36 -11.69 22.79 3.52
N ARG A 37 -12.42 21.70 3.72
CA ARG A 37 -13.57 21.40 2.90
C ARG A 37 -14.69 22.42 3.15
N MET A 38 -14.88 22.87 4.38
CA MET A 38 -15.86 23.93 4.70
C MET A 38 -15.48 25.24 3.99
N THR A 39 -14.20 25.58 4.05
CA THR A 39 -13.72 26.78 3.41
C THR A 39 -14.02 26.70 1.90
N HIS A 40 -13.63 25.60 1.30
CA HIS A 40 -13.81 25.41 -0.13
C HIS A 40 -15.30 25.54 -0.52
N ASN A 41 -16.15 24.89 0.24
CA ASN A 41 -17.56 24.83 -0.08
C ASN A 41 -18.19 26.23 0.06
N LEU A 42 -17.76 26.98 1.09
CA LEU A 42 -18.28 28.32 1.26
C LEU A 42 -17.88 29.20 0.07
N LEU A 43 -16.61 29.18 -0.30
CA LEU A 43 -16.19 30.09 -1.33
C LEU A 43 -16.74 29.66 -2.70
N LEU A 44 -17.00 28.36 -2.92
CA LEU A 44 -17.67 27.93 -4.15
C LEU A 44 -19.08 28.51 -4.20
N ASN A 45 -19.76 28.50 -3.06
CA ASN A 45 -21.12 28.96 -2.99
C ASN A 45 -21.22 30.49 -3.11
N TYR A 46 -20.13 31.21 -2.83
CA TYR A 46 -20.07 32.65 -3.11
C TYR A 46 -19.74 32.92 -4.58
N GLY A 47 -19.38 31.87 -5.34
CA GLY A 47 -19.12 32.02 -6.76
C GLY A 47 -17.66 32.36 -7.08
N LEU A 48 -16.74 32.26 -6.12
CA LEU A 48 -15.37 32.74 -6.35
C LEU A 48 -14.58 31.86 -7.33
N TYR A 49 -15.01 30.61 -7.61
CA TYR A 49 -14.41 29.78 -8.66
C TYR A 49 -14.50 30.45 -10.02
N ARG A 50 -15.46 31.36 -10.24
CA ARG A 50 -15.61 32.05 -11.51
C ARG A 50 -14.35 32.90 -11.81
N LYS A 51 -13.62 33.31 -10.79
CA LYS A 51 -12.61 34.35 -10.91
C LYS A 51 -11.20 33.80 -10.72
N MET A 52 -11.02 32.50 -10.48
CA MET A 52 -9.65 32.01 -10.25
C MET A 52 -9.51 30.61 -10.84
N GLU A 53 -8.27 30.17 -11.05
CA GLU A 53 -8.03 28.84 -11.58
C GLU A 53 -7.95 27.92 -10.37
N ILE A 54 -8.69 26.81 -10.40
CA ILE A 54 -8.63 25.85 -9.30
C ILE A 54 -7.86 24.62 -9.75
N TYR A 55 -6.83 24.23 -9.00
CA TYR A 55 -5.92 23.10 -9.33
C TYR A 55 -5.96 22.07 -8.22
N ARG A 56 -5.96 20.81 -8.60
CA ARG A 56 -5.76 19.74 -7.64
C ARG A 56 -4.25 19.51 -7.50
N PRO A 57 -3.70 19.66 -6.31
CA PRO A 57 -2.24 19.48 -6.17
C PRO A 57 -1.83 18.00 -6.42
N HIS A 58 -0.61 17.77 -6.88
CA HIS A 58 -0.01 16.46 -6.90
C HIS A 58 0.32 16.04 -5.46
N LYS A 59 0.50 14.75 -5.27
CA LYS A 59 1.05 14.27 -4.00
C LYS A 59 2.57 14.37 -4.00
N ALA A 60 3.11 15.25 -3.17
CA ALA A 60 4.56 15.44 -3.08
C ALA A 60 5.24 14.10 -2.74
N THR A 61 6.37 13.79 -3.38
CA THR A 61 7.09 12.52 -3.18
C THR A 61 8.10 12.67 -2.05
N ALA A 62 8.66 11.54 -1.61
CA ALA A 62 9.75 11.53 -0.63
C ALA A 62 10.94 12.37 -1.13
N GLU A 63 11.24 12.27 -2.42
CA GLU A 63 12.29 13.05 -3.07
C GLU A 63 12.05 14.55 -2.79
N GLU A 64 10.81 15.02 -2.98
CA GLU A 64 10.51 16.43 -2.82
C GLU A 64 10.72 16.81 -1.34
N MET A 65 10.28 15.93 -0.45
CA MET A 65 10.22 16.23 0.98
C MET A 65 11.65 16.24 1.54
N THR A 66 12.54 15.40 1.02
CA THR A 66 13.90 15.33 1.54
C THR A 66 14.78 16.45 0.98
N LYS A 67 14.22 17.40 0.25
CA LYS A 67 14.96 18.67 -0.02
C LYS A 67 15.20 19.40 1.30
N TYR A 68 14.37 19.16 2.31
CA TYR A 68 14.60 19.73 3.64
C TYR A 68 14.73 18.65 4.71
N HIS A 69 13.75 17.74 4.75
CA HIS A 69 13.64 16.78 5.82
C HIS A 69 14.63 15.62 5.63
N SER A 70 15.00 14.99 6.74
CA SER A 70 15.96 13.89 6.70
C SER A 70 15.31 12.65 6.09
N ASP A 71 16.14 11.87 5.42
CA ASP A 71 15.71 10.60 4.84
C ASP A 71 15.09 9.70 5.91
N GLU A 72 15.71 9.66 7.09
CA GLU A 72 15.26 8.80 8.17
C GLU A 72 13.87 9.25 8.63
N TYR A 73 13.65 10.55 8.77
CA TYR A 73 12.35 11.05 9.24
C TYR A 73 11.25 10.77 8.19
N ILE A 74 11.56 10.98 6.93
CA ILE A 74 10.55 10.78 5.84
C ILE A 74 10.26 9.28 5.69
N LYS A 75 11.27 8.43 5.83
CA LYS A 75 11.04 6.98 5.75
C LYS A 75 10.08 6.53 6.84
N PHE A 76 10.25 7.09 8.04
CA PHE A 76 9.41 6.79 9.18
C PHE A 76 7.97 7.27 8.88
N LEU A 77 7.78 8.49 8.38
CA LEU A 77 6.41 8.98 8.09
C LEU A 77 5.72 8.09 7.04
N ARG A 78 6.51 7.57 6.12
CA ARG A 78 6.01 6.69 5.04
C ARG A 78 5.65 5.30 5.56
N SER A 79 6.15 4.91 6.74
CA SER A 79 6.02 3.53 7.21
C SER A 79 4.98 3.42 8.32
N ILE A 80 4.81 4.47 9.11
CA ILE A 80 4.14 4.33 10.40
C ILE A 80 2.63 4.33 10.18
N ARG A 81 1.96 3.42 10.87
CA ARG A 81 0.51 3.26 10.76
C ARG A 81 -0.06 2.89 12.13
N PRO A 82 -1.34 3.18 12.41
CA PRO A 82 -1.97 2.75 13.68
C PRO A 82 -1.78 1.27 14.04
N ASP A 83 -1.74 0.40 13.03
CA ASP A 83 -1.54 -1.02 13.23
C ASP A 83 -0.09 -1.50 13.40
N ASN A 84 0.93 -0.67 13.20
CA ASN A 84 2.31 -1.11 13.47
C ASN A 84 3.01 -0.18 14.49
N MET A 85 2.24 0.66 15.19
CA MET A 85 2.79 1.68 16.13
C MET A 85 3.71 1.06 17.18
N SER A 86 3.30 -0.06 17.78
CA SER A 86 4.04 -0.66 18.91
C SER A 86 5.44 -1.12 18.48
N GLU A 87 5.66 -1.33 17.18
CA GLU A 87 6.96 -1.73 16.68
C GLU A 87 7.86 -0.50 16.45
N TYR A 88 7.29 0.70 16.62
CA TYR A 88 7.96 1.93 16.24
C TYR A 88 8.07 2.86 17.46
N SER A 89 7.94 2.33 18.67
CA SER A 89 7.86 3.16 19.88
C SER A 89 9.05 4.13 19.98
N LYS A 90 10.25 3.63 19.75
CA LYS A 90 11.49 4.40 19.86
C LYS A 90 11.52 5.54 18.83
N GLN A 91 11.13 5.18 17.61
CA GLN A 91 11.17 6.11 16.50
C GLN A 91 10.10 7.19 16.74
N MET A 92 8.95 6.76 17.29
CA MET A 92 7.88 7.71 17.54
C MET A 92 8.40 8.79 18.51
N GLN A 93 9.13 8.38 19.53
CA GLN A 93 9.64 9.35 20.51
C GLN A 93 10.71 10.22 19.85
N ARG A 94 11.66 9.63 19.12
CA ARG A 94 12.72 10.40 18.43
C ARG A 94 12.12 11.50 17.52
N PHE A 95 11.03 11.20 16.82
CA PHE A 95 10.50 12.11 15.80
C PHE A 95 9.26 12.86 16.31
N ASN A 96 8.96 12.71 17.61
CA ASN A 96 7.93 13.48 18.32
C ASN A 96 6.53 13.19 17.74
N VAL A 97 6.29 11.92 17.39
CA VAL A 97 4.97 11.55 16.94
C VAL A 97 4.30 10.73 18.04
N GLY A 98 3.01 11.00 18.24
CA GLY A 98 2.14 10.17 19.06
C GLY A 98 1.38 10.93 20.14
N GLU A 99 1.49 12.26 20.23
CA GLU A 99 0.69 13.00 21.22
C GLU A 99 0.00 14.18 20.52
N ASP A 100 0.70 15.32 20.39
CA ASP A 100 0.18 16.46 19.64
C ASP A 100 0.05 16.07 18.17
N CYS A 101 0.96 15.22 17.72
CA CYS A 101 1.08 14.79 16.35
C CYS A 101 0.85 13.26 16.29
N PRO A 102 -0.43 12.86 16.35
CA PRO A 102 -0.73 11.42 16.47
C PRO A 102 -0.47 10.68 15.15
N VAL A 103 -0.42 9.37 15.24
CA VAL A 103 -0.47 8.49 14.09
C VAL A 103 -1.94 8.32 13.71
N PHE A 104 -2.30 8.64 12.45
CA PHE A 104 -3.67 8.36 11.99
C PHE A 104 -3.59 7.69 10.61
N ASP A 105 -4.68 7.05 10.23
CA ASP A 105 -4.85 6.46 8.91
C ASP A 105 -4.61 7.53 7.80
N GLY A 106 -3.69 7.20 6.89
CA GLY A 106 -3.39 8.02 5.72
C GLY A 106 -2.50 9.20 6.04
N LEU A 107 -1.84 9.17 7.20
CA LEU A 107 -1.02 10.31 7.63
C LEU A 107 -0.04 10.74 6.53
N PHE A 108 0.66 9.80 5.88
CA PHE A 108 1.66 10.22 4.89
C PHE A 108 1.00 10.87 3.67
N GLU A 109 -0.12 10.29 3.19
CA GLU A 109 -0.88 10.89 2.07
C GLU A 109 -1.35 12.30 2.41
N PHE A 110 -1.79 12.52 3.65
CA PHE A 110 -2.17 13.83 4.15
C PHE A 110 -0.98 14.82 4.03
N CYS A 111 0.22 14.41 4.43
CA CYS A 111 1.41 15.27 4.27
C CYS A 111 1.70 15.55 2.80
N GLN A 112 1.50 14.55 1.95
CA GLN A 112 1.79 14.69 0.51
C GLN A 112 0.87 15.75 -0.11
N LEU A 113 -0.38 15.81 0.34
CA LEU A 113 -1.40 16.71 -0.21
C LEU A 113 -1.13 18.15 0.24
N SER A 114 -0.88 18.33 1.55
CA SER A 114 -0.53 19.63 2.10
C SER A 114 0.69 20.19 1.38
N THR A 115 1.74 19.39 1.31
CA THR A 115 3.00 19.81 0.73
C THR A 115 2.84 20.07 -0.77
N GLY A 116 2.12 19.20 -1.47
CA GLY A 116 1.97 19.29 -2.91
C GLY A 116 1.41 20.64 -3.36
N GLY A 117 0.42 21.15 -2.64
CA GLY A 117 -0.18 22.44 -2.91
C GLY A 117 0.81 23.58 -2.81
N SER A 118 1.63 23.56 -1.78
CA SER A 118 2.53 24.66 -1.52
C SER A 118 3.63 24.68 -2.57
N VAL A 119 4.18 23.50 -2.85
CA VAL A 119 5.24 23.37 -3.84
C VAL A 119 4.68 23.64 -5.24
N ALA A 120 3.49 23.15 -5.57
CA ALA A 120 2.91 23.42 -6.90
C ALA A 120 2.69 24.94 -7.07
N GLY A 121 2.27 25.59 -6.02
CA GLY A 121 2.06 27.05 -6.04
C GLY A 121 3.38 27.77 -6.30
N ALA A 122 4.42 27.39 -5.59
CA ALA A 122 5.74 28.00 -5.78
C ALA A 122 6.25 27.83 -7.20
N VAL A 123 6.03 26.64 -7.80
CA VAL A 123 6.46 26.40 -9.15
C VAL A 123 5.68 27.32 -10.09
N LYS A 124 4.38 27.45 -9.87
CA LYS A 124 3.55 28.29 -10.72
C LYS A 124 4.04 29.76 -10.68
N LEU A 125 4.39 30.25 -9.49
CA LEU A 125 4.98 31.61 -9.30
C LEU A 125 6.35 31.72 -10.01
N ASN A 126 7.21 30.73 -9.84
CA ASN A 126 8.51 30.70 -10.49
C ASN A 126 8.34 30.86 -12.00
N ARG A 127 7.36 30.20 -12.59
CA ARG A 127 7.17 30.19 -14.01
C ARG A 127 6.42 31.46 -14.47
N GLN A 128 6.05 32.33 -13.55
CA GLN A 128 5.33 33.56 -13.84
C GLN A 128 4.01 33.26 -14.55
N GLN A 129 3.32 32.20 -14.13
CA GLN A 129 2.03 31.83 -14.68
C GLN A 129 0.91 32.34 -13.77
N THR A 130 1.25 32.91 -12.61
CA THR A 130 0.26 33.46 -11.71
C THR A 130 0.95 34.57 -10.90
N ASP A 131 0.16 35.47 -10.32
CA ASP A 131 0.63 36.47 -9.34
C ASP A 131 0.53 35.99 -7.92
N MET A 132 -0.54 35.25 -7.64
CA MET A 132 -0.76 34.73 -6.33
C MET A 132 -1.12 33.23 -6.43
N ALA A 133 -0.56 32.44 -5.53
CA ALA A 133 -0.99 31.03 -5.38
C ALA A 133 -1.52 30.86 -3.97
N VAL A 134 -2.60 30.12 -3.81
CA VAL A 134 -3.26 29.92 -2.52
C VAL A 134 -3.33 28.41 -2.22
N ASN A 135 -2.86 28.04 -1.04
CA ASN A 135 -2.99 26.68 -0.54
C ASN A 135 -3.45 26.72 0.91
N TRP A 136 -4.75 26.69 1.14
CA TRP A 136 -5.24 26.79 2.52
C TRP A 136 -4.90 25.56 3.36
N ALA A 137 -4.62 24.40 2.74
CA ALA A 137 -4.22 23.18 3.44
C ALA A 137 -2.76 23.22 3.86
N GLY A 138 -1.99 24.26 3.51
CA GLY A 138 -0.61 24.39 3.88
C GLY A 138 -0.43 25.28 5.11
N GLY A 139 0.78 25.75 5.29
CA GLY A 139 1.16 26.63 6.42
C GLY A 139 1.65 25.88 7.63
N LEU A 140 2.23 24.68 7.47
CA LEU A 140 2.61 23.83 8.60
C LEU A 140 3.97 24.27 9.21
N HIS A 141 3.95 25.42 9.87
CA HIS A 141 5.19 26.19 10.20
C HIS A 141 6.03 25.54 11.31
N HIS A 142 5.57 24.50 12.05
CA HIS A 142 6.34 23.97 13.18
C HIS A 142 7.22 22.77 12.82
N ALA A 143 6.98 22.10 11.71
CA ALA A 143 7.72 20.88 11.44
C ALA A 143 9.20 21.22 11.25
N LYS A 144 10.08 20.34 11.71
CA LYS A 144 11.51 20.53 11.65
C LYS A 144 12.15 19.43 10.81
N LYS A 145 13.46 19.57 10.56
CA LYS A 145 14.17 18.67 9.68
C LYS A 145 13.85 17.21 10.00
N SER A 146 13.87 16.85 11.28
CA SER A 146 13.75 15.47 11.68
C SER A 146 12.76 15.33 12.83
N GLU A 147 11.72 16.15 12.85
CA GLU A 147 10.83 16.10 13.97
C GLU A 147 9.47 16.72 13.63
N ALA A 148 8.40 16.02 13.96
CA ALA A 148 7.03 16.60 13.96
C ALA A 148 6.87 17.55 15.15
N SER A 149 5.94 18.49 15.02
CA SER A 149 5.69 19.41 16.11
C SER A 149 4.39 20.16 15.85
N GLY A 150 3.64 20.41 16.92
CA GLY A 150 2.54 21.40 16.84
C GLY A 150 1.52 21.05 15.74
N PHE A 151 1.21 19.75 15.67
CA PHE A 151 0.21 19.18 14.75
C PHE A 151 0.74 19.14 13.32
N CYS A 152 2.00 19.50 13.10
CA CYS A 152 2.64 19.58 11.77
C CYS A 152 3.61 18.39 11.61
N TYR A 153 3.65 17.76 10.44
CA TYR A 153 4.61 16.70 10.21
C TYR A 153 5.66 17.08 9.14
N VAL A 154 5.23 17.67 8.03
CA VAL A 154 6.14 18.05 6.95
C VAL A 154 6.01 19.57 6.74
N ASN A 155 7.15 20.24 6.60
CA ASN A 155 7.14 21.67 6.55
C ASN A 155 7.01 22.11 5.08
N ASP A 156 5.76 22.22 4.64
CA ASP A 156 5.44 22.65 3.28
C ASP A 156 5.99 24.04 3.00
N ILE A 157 6.06 24.90 4.01
CA ILE A 157 6.50 26.28 3.82
C ILE A 157 7.99 26.29 3.46
N VAL A 158 8.77 25.55 4.23
CA VAL A 158 10.20 25.47 3.95
C VAL A 158 10.41 24.89 2.55
N LEU A 159 9.69 23.84 2.18
CA LEU A 159 9.89 23.26 0.87
C LEU A 159 9.47 24.24 -0.24
N ALA A 160 8.39 24.97 -0.06
CA ALA A 160 7.93 25.95 -1.02
C ALA A 160 8.94 27.09 -1.16
N ILE A 161 9.54 27.52 -0.05
CA ILE A 161 10.53 28.60 -0.11
C ILE A 161 11.80 28.09 -0.82
N LEU A 162 12.23 26.86 -0.54
CA LEU A 162 13.38 26.31 -1.26
C LEU A 162 13.13 26.29 -2.79
N GLU A 163 11.90 25.99 -3.21
CA GLU A 163 11.49 26.05 -4.64
C GLU A 163 11.59 27.50 -5.15
N LEU A 164 11.06 28.47 -4.41
CA LEU A 164 11.18 29.91 -4.78
C LEU A 164 12.64 30.35 -4.88
N LEU A 165 13.50 29.85 -4.00
CA LEU A 165 14.91 30.27 -4.00
C LEU A 165 15.64 29.83 -5.27
N LYS A 166 15.06 28.95 -6.07
CA LYS A 166 15.68 28.59 -7.34
C LYS A 166 15.66 29.77 -8.32
N TYR A 167 14.68 30.67 -8.20
CA TYR A 167 14.59 31.77 -9.14
C TYR A 167 14.64 33.13 -8.42
N HIS A 168 14.62 33.16 -7.09
CA HIS A 168 14.51 34.40 -6.31
C HIS A 168 15.71 34.51 -5.34
N GLN A 169 16.49 35.58 -5.46
CA GLN A 169 17.64 35.73 -4.56
C GLN A 169 17.15 35.90 -3.11
N ARG A 170 16.02 36.59 -2.92
CA ARG A 170 15.54 36.99 -1.57
C ARG A 170 14.04 36.70 -1.44
N VAL A 171 13.67 35.91 -0.43
CA VAL A 171 12.29 35.58 -0.18
C VAL A 171 11.92 36.05 1.23
N LEU A 172 10.76 36.68 1.34
CA LEU A 172 10.21 37.15 2.63
C LEU A 172 9.08 36.21 3.06
N TYR A 173 9.18 35.71 4.30
CA TYR A 173 8.13 34.94 4.92
C TYR A 173 7.48 35.76 6.03
N ILE A 174 6.16 35.86 6.04
CA ILE A 174 5.38 36.58 7.04
C ILE A 174 4.35 35.64 7.65
N ASP A 175 4.24 35.66 8.98
CA ASP A 175 3.47 34.66 9.71
C ASP A 175 2.51 35.34 10.69
N ILE A 176 1.20 35.34 10.39
CA ILE A 176 0.22 36.04 11.22
C ILE A 176 -0.61 35.04 12.04
N ASP A 177 -0.25 33.76 11.97
CA ASP A 177 -0.71 32.74 12.93
C ASP A 177 -0.45 33.26 14.37
N ILE A 178 -1.30 32.93 15.33
CA ILE A 178 -1.06 33.33 16.71
C ILE A 178 0.21 32.68 17.28
N HIS A 179 0.65 31.54 16.73
CA HIS A 179 1.85 30.87 17.18
C HIS A 179 3.08 31.31 16.38
N HIS A 180 4.22 31.34 17.04
CA HIS A 180 5.51 31.57 16.39
C HIS A 180 5.81 30.51 15.32
N GLY A 181 6.26 30.95 14.16
CA GLY A 181 6.68 30.04 13.08
C GLY A 181 8.11 29.56 13.26
N ASP A 182 8.29 28.75 14.28
CA ASP A 182 9.61 28.32 14.70
C ASP A 182 10.31 27.43 13.71
N GLY A 183 9.58 26.54 13.05
CA GLY A 183 10.22 25.65 12.10
C GLY A 183 10.77 26.37 10.87
N VAL A 184 10.05 27.37 10.39
CA VAL A 184 10.51 28.14 9.23
C VAL A 184 11.69 29.02 9.65
N GLU A 185 11.57 29.68 10.79
CA GLU A 185 12.66 30.51 11.29
C GLU A 185 13.93 29.67 11.47
N GLU A 186 13.80 28.48 12.06
CA GLU A 186 14.96 27.62 12.30
C GLU A 186 15.63 27.19 10.97
N ALA A 187 14.85 26.78 9.98
CA ALA A 187 15.44 26.37 8.70
C ALA A 187 16.27 27.47 8.05
N PHE A 188 15.88 28.75 8.22
CA PHE A 188 16.49 29.84 7.49
C PHE A 188 17.22 30.80 8.44
N TYR A 189 17.50 30.37 9.67
CA TYR A 189 18.02 31.27 10.70
C TYR A 189 19.41 31.83 10.34
N THR A 190 20.17 31.07 9.54
CA THR A 190 21.52 31.43 9.29
C THR A 190 21.72 31.86 7.84
N THR A 191 20.64 32.19 7.12
CA THR A 191 20.78 32.73 5.78
C THR A 191 20.09 34.10 5.68
N ASP A 192 20.70 34.95 4.87
CA ASP A 192 20.07 36.21 4.48
C ASP A 192 19.21 36.09 3.23
N ARG A 193 19.08 34.88 2.65
CA ARG A 193 18.29 34.72 1.42
C ARG A 193 16.82 34.54 1.76
N VAL A 194 16.50 34.29 3.02
CA VAL A 194 15.10 34.29 3.50
C VAL A 194 15.04 35.14 4.77
N MET A 195 14.14 36.10 4.79
CA MET A 195 13.85 36.83 6.00
C MET A 195 12.53 36.31 6.56
N THR A 196 12.49 36.01 7.85
CA THR A 196 11.27 35.50 8.46
C THR A 196 10.76 36.56 9.43
N VAL A 197 9.45 36.85 9.36
CA VAL A 197 8.83 37.82 10.19
C VAL A 197 7.61 37.19 10.83
N SER A 198 7.61 37.04 12.14
CA SER A 198 6.49 36.42 12.82
C SER A 198 5.93 37.35 13.89
N PHE A 199 4.60 37.44 13.87
CA PHE A 199 3.80 38.07 14.90
C PHE A 199 3.10 36.94 15.66
N HIS A 200 3.13 36.93 17.00
CA HIS A 200 2.63 35.78 17.76
C HIS A 200 2.44 36.15 19.24
N LYS A 201 1.56 35.39 19.90
CA LYS A 201 1.50 35.40 21.35
C LYS A 201 2.81 34.81 21.87
N TYR A 202 3.36 35.47 22.91
CA TYR A 202 4.60 35.08 23.50
C TYR A 202 4.45 35.17 25.01
N GLY A 203 4.91 34.09 25.67
CA GLY A 203 4.89 33.99 27.11
C GLY A 203 3.92 32.90 27.56
N GLU A 204 4.45 31.81 28.05
CA GLU A 204 3.62 30.70 28.58
C GLU A 204 2.73 30.19 27.45
N TYR A 205 3.30 30.01 26.26
CA TYR A 205 2.48 29.69 25.12
C TYR A 205 3.29 28.90 24.10
N PHE A 206 2.65 27.92 23.47
CA PHE A 206 3.31 27.10 22.45
C PHE A 206 3.78 27.98 21.29
N PRO A 207 4.98 27.76 20.77
CA PRO A 207 5.95 26.72 21.10
C PRO A 207 7.01 27.17 22.13
N GLY A 208 6.91 28.40 22.62
CA GLY A 208 7.84 28.91 23.63
C GLY A 208 8.99 29.69 23.01
N THR A 209 9.04 29.84 21.70
CA THR A 209 10.12 30.55 21.02
C THR A 209 9.58 31.86 20.43
N GLY A 210 10.43 32.62 19.74
CA GLY A 210 10.04 33.89 19.11
C GLY A 210 10.18 35.11 20.02
N ASP A 211 11.20 35.10 20.88
CA ASP A 211 11.56 36.30 21.61
C ASP A 211 12.00 37.40 20.60
N LEU A 212 11.69 38.65 20.93
CA LEU A 212 12.18 39.90 20.31
C LEU A 212 13.67 39.79 20.01
N ARG A 213 14.43 39.17 20.93
CA ARG A 213 15.89 39.15 20.88
C ARG A 213 16.39 38.03 19.96
N ASP A 214 15.55 37.15 19.45
CA ASP A 214 15.97 36.16 18.47
C ASP A 214 15.95 36.81 17.09
N ILE A 215 17.13 37.10 16.52
CA ILE A 215 17.24 37.98 15.32
C ILE A 215 18.00 37.27 14.20
N GLY A 216 18.32 36.00 14.37
CA GLY A 216 19.10 35.24 13.37
C GLY A 216 20.55 35.14 13.76
N ALA A 217 21.34 34.39 13.00
CA ALA A 217 22.74 34.10 13.36
C ALA A 217 23.57 33.97 12.09
N GLY A 218 24.87 34.23 12.20
CA GLY A 218 25.75 34.18 11.04
C GLY A 218 25.33 35.18 9.97
N LYS A 219 25.33 34.73 8.73
CA LYS A 219 24.87 35.55 7.61
C LYS A 219 23.38 35.87 7.75
N GLY A 220 22.64 35.12 8.57
CA GLY A 220 21.23 35.43 8.79
C GLY A 220 20.99 36.37 9.96
N LYS A 221 22.03 36.91 10.58
CA LYS A 221 21.79 37.83 11.71
C LYS A 221 21.07 39.09 11.19
N TYR A 222 19.98 39.46 11.86
CA TYR A 222 19.07 40.57 11.50
C TYR A 222 18.03 40.14 10.44
N TYR A 223 18.01 38.87 10.04
CA TYR A 223 17.04 38.44 9.02
C TYR A 223 15.95 37.57 9.63
N ALA A 224 15.87 37.54 10.95
CA ALA A 224 14.74 36.97 11.66
C ALA A 224 14.11 38.08 12.49
N VAL A 225 12.79 38.24 12.39
CA VAL A 225 12.08 39.30 13.06
C VAL A 225 10.90 38.70 13.84
N ASN A 226 10.85 39.00 15.13
CA ASN A 226 9.85 38.43 16.00
C ASN A 226 9.14 39.57 16.73
N PHE A 227 7.83 39.63 16.61
CA PHE A 227 7.02 40.58 17.33
C PHE A 227 6.18 39.83 18.39
N PRO A 228 6.67 39.74 19.62
CA PRO A 228 5.91 39.05 20.68
C PRO A 228 4.75 39.89 21.21
N MET A 229 3.59 39.28 21.37
CA MET A 229 2.37 39.96 21.80
C MET A 229 1.76 39.27 23.02
N ARG A 230 0.91 39.99 23.72
CA ARG A 230 0.12 39.47 24.82
C ARG A 230 -1.31 39.16 24.34
N ASP A 231 -2.08 38.52 25.23
CA ASP A 231 -3.49 38.25 24.99
C ASP A 231 -4.31 39.48 24.58
N GLY A 232 -5.27 39.28 23.68
CA GLY A 232 -6.39 40.22 23.53
C GLY A 232 -6.15 41.29 22.48
N ILE A 233 -5.12 41.14 21.67
CA ILE A 233 -4.86 42.15 20.68
C ILE A 233 -6.06 42.25 19.72
N ASP A 234 -6.37 43.47 19.32
CA ASP A 234 -7.56 43.78 18.52
C ASP A 234 -7.13 44.35 17.17
N ASP A 235 -8.11 44.60 16.31
CA ASP A 235 -7.83 44.97 14.91
C ASP A 235 -7.00 46.24 14.80
N GLU A 236 -7.36 47.23 15.60
CA GLU A 236 -6.73 48.54 15.53
C GLU A 236 -5.26 48.44 15.98
N SER A 237 -4.99 47.80 17.11
CA SER A 237 -3.62 47.61 17.62
C SER A 237 -2.77 46.80 16.63
N TYR A 238 -3.34 45.72 16.08
CA TYR A 238 -2.57 44.90 15.16
C TYR A 238 -2.30 45.70 13.89
N GLY A 239 -3.32 46.39 13.38
CA GLY A 239 -3.15 47.11 12.12
C GLY A 239 -2.10 48.23 12.22
N GLN A 240 -2.02 48.86 13.39
CA GLN A 240 -1.08 49.95 13.58
C GLN A 240 0.36 49.44 13.66
N ILE A 241 0.61 48.16 13.88
CA ILE A 241 2.02 47.76 13.82
C ILE A 241 2.31 46.99 12.53
N PHE A 242 1.33 46.31 11.94
CA PHE A 242 1.65 45.39 10.86
C PHE A 242 2.14 46.18 9.61
N LYS A 243 1.37 47.16 9.19
CA LYS A 243 1.71 47.93 7.97
C LYS A 243 3.09 48.62 8.12
N PRO A 244 3.32 49.39 9.20
CA PRO A 244 4.67 49.97 9.29
C PRO A 244 5.83 48.95 9.34
N ILE A 245 5.69 47.84 10.06
CA ILE A 245 6.76 46.83 10.11
C ILE A 245 6.97 46.23 8.71
N ILE A 246 5.90 45.78 8.08
CA ILE A 246 6.05 45.16 6.77
C ILE A 246 6.60 46.18 5.76
N SER A 247 6.15 47.44 5.79
CA SER A 247 6.70 48.45 4.85
C SER A 247 8.20 48.64 5.07
N LYS A 248 8.65 48.68 6.32
CA LYS A 248 10.07 48.85 6.60
C LYS A 248 10.84 47.61 6.12
N VAL A 249 10.29 46.44 6.38
CA VAL A 249 10.93 45.21 5.91
C VAL A 249 11.05 45.24 4.37
N MET A 250 9.97 45.59 3.68
CA MET A 250 10.00 45.65 2.21
C MET A 250 11.07 46.62 1.73
N GLU A 251 11.18 47.78 2.37
CA GLU A 251 12.10 48.84 1.95
C GLU A 251 13.54 48.37 2.12
N MET A 252 13.82 47.70 3.25
CA MET A 252 15.19 47.37 3.62
C MET A 252 15.61 46.05 2.95
N TYR A 253 14.70 45.07 2.86
CA TYR A 253 15.09 43.73 2.44
C TYR A 253 14.86 43.55 0.93
N GLN A 254 13.86 44.21 0.35
CA GLN A 254 13.61 44.15 -1.11
C GLN A 254 13.56 42.70 -1.61
N PRO A 255 12.62 41.94 -1.09
CA PRO A 255 12.44 40.56 -1.52
C PRO A 255 11.84 40.55 -2.92
N SER A 256 11.95 39.45 -3.66
CA SER A 256 11.33 39.34 -4.97
C SER A 256 10.14 38.37 -4.93
N ALA A 257 9.93 37.70 -3.81
CA ALA A 257 8.78 36.83 -3.59
C ALA A 257 8.41 36.83 -2.12
N VAL A 258 7.16 36.56 -1.85
CA VAL A 258 6.64 36.60 -0.48
C VAL A 258 5.79 35.36 -0.21
N VAL A 259 5.98 34.81 0.99
CA VAL A 259 5.12 33.75 1.49
C VAL A 259 4.41 34.27 2.75
N LEU A 260 3.09 34.25 2.73
CA LEU A 260 2.27 34.68 3.83
C LEU A 260 1.50 33.51 4.43
N GLN A 261 1.79 33.20 5.70
CA GLN A 261 1.07 32.18 6.49
C GLN A 261 -0.08 32.91 7.20
N CYS A 262 -1.32 32.49 6.91
CA CYS A 262 -2.54 33.20 7.33
C CYS A 262 -3.29 32.40 8.41
N GLY A 263 -2.58 31.76 9.33
CA GLY A 263 -3.24 31.00 10.38
C GLY A 263 -4.36 31.80 11.02
N ALA A 264 -5.54 31.18 11.12
CA ALA A 264 -6.78 31.84 11.55
C ALA A 264 -7.00 31.68 13.05
N ASP A 265 -6.03 31.09 13.76
CA ASP A 265 -6.11 30.99 15.19
C ASP A 265 -5.82 32.31 15.92
N SER A 266 -5.48 33.36 15.18
CA SER A 266 -5.36 34.71 15.74
C SER A 266 -6.72 35.43 15.74
N LEU A 267 -7.83 34.78 15.30
CA LEU A 267 -9.17 35.40 15.38
C LEU A 267 -9.78 35.32 16.78
N SER A 268 -10.56 36.34 17.12
CA SER A 268 -11.49 36.33 18.23
C SER A 268 -12.24 35.01 18.32
N GLY A 269 -12.29 34.41 19.50
CA GLY A 269 -13.12 33.21 19.73
C GLY A 269 -12.47 31.91 19.28
N ASP A 270 -11.20 31.93 18.88
CA ASP A 270 -10.54 30.68 18.56
C ASP A 270 -10.42 29.79 19.78
N ARG A 271 -10.56 28.49 19.59
CA ARG A 271 -10.57 27.57 20.73
C ARG A 271 -9.21 27.48 21.41
N LEU A 272 -8.12 27.65 20.70
CA LEU A 272 -6.78 27.53 21.30
C LEU A 272 -6.13 28.93 21.40
N GLY A 273 -6.65 29.92 20.70
CA GLY A 273 -6.02 31.24 20.65
C GLY A 273 -6.63 32.20 21.67
N CYS A 274 -5.93 33.28 21.98
CA CYS A 274 -6.40 34.28 22.92
C CYS A 274 -6.23 35.70 22.34
N PHE A 275 -6.25 35.83 21.02
CA PHE A 275 -6.28 37.14 20.38
C PHE A 275 -7.74 37.53 20.13
N ASN A 276 -7.95 38.76 19.67
CA ASN A 276 -9.30 39.28 19.51
C ASN A 276 -9.44 39.95 18.14
N LEU A 277 -8.84 39.36 17.11
CA LEU A 277 -8.94 39.96 15.77
C LEU A 277 -10.25 39.55 15.09
N THR A 278 -10.79 40.43 14.23
CA THR A 278 -11.92 40.05 13.36
C THR A 278 -11.37 39.52 12.04
N VAL A 279 -12.27 39.01 11.19
CA VAL A 279 -11.88 38.57 9.89
C VAL A 279 -11.37 39.76 9.06
N LYS A 280 -12.02 40.92 9.15
CA LYS A 280 -11.53 42.16 8.51
C LYS A 280 -10.15 42.55 9.02
N GLY A 281 -9.88 42.40 10.31
CA GLY A 281 -8.59 42.76 10.85
C GLY A 281 -7.48 41.85 10.37
N HIS A 282 -7.79 40.57 10.33
CA HIS A 282 -6.88 39.55 9.88
C HIS A 282 -6.60 39.81 8.39
N ALA A 283 -7.66 39.98 7.63
CA ALA A 283 -7.56 40.15 6.17
C ALA A 283 -6.86 41.44 5.76
N LYS A 284 -6.90 42.46 6.60
CA LYS A 284 -6.16 43.65 6.31
C LYS A 284 -4.68 43.31 6.11
N CYS A 285 -4.17 42.27 6.78
CA CYS A 285 -2.77 41.87 6.58
C CYS A 285 -2.53 41.39 5.15
N VAL A 286 -3.50 40.65 4.60
CA VAL A 286 -3.40 40.16 3.23
C VAL A 286 -3.38 41.37 2.29
N GLU A 287 -4.30 42.30 2.55
CA GLU A 287 -4.40 43.51 1.75
C GLU A 287 -3.07 44.25 1.77
N VAL A 288 -2.44 44.39 2.94
CA VAL A 288 -1.20 45.16 3.01
C VAL A 288 -0.12 44.48 2.15
N VAL A 289 0.02 43.17 2.28
CA VAL A 289 1.08 42.46 1.57
C VAL A 289 0.83 42.54 0.05
N LYS A 290 -0.41 42.40 -0.36
CA LYS A 290 -0.79 42.48 -1.79
C LYS A 290 -0.34 43.78 -2.44
N THR A 291 -0.33 44.90 -1.70
CA THR A 291 -0.05 46.19 -2.30
C THR A 291 1.39 46.24 -2.79
N PHE A 292 2.28 45.41 -2.28
CA PHE A 292 3.67 45.46 -2.73
C PHE A 292 3.83 44.84 -4.12
N ASN A 293 2.80 44.17 -4.64
CA ASN A 293 2.83 43.74 -6.05
C ASN A 293 3.97 42.73 -6.27
N LEU A 294 4.20 41.83 -5.32
CA LEU A 294 5.20 40.80 -5.48
C LEU A 294 4.51 39.44 -5.63
N PRO A 295 5.14 38.50 -6.33
CA PRO A 295 4.69 37.10 -6.35
C PRO A 295 4.45 36.65 -4.91
N LEU A 296 3.25 36.14 -4.64
CA LEU A 296 2.80 35.90 -3.30
C LEU A 296 2.19 34.48 -3.19
N LEU A 297 2.74 33.68 -2.29
CA LEU A 297 2.16 32.40 -1.91
C LEU A 297 1.44 32.57 -0.56
N MET A 298 0.14 32.39 -0.56
CA MET A 298 -0.69 32.50 0.66
C MET A 298 -1.13 31.12 1.15
N LEU A 299 -0.96 30.86 2.44
CA LEU A 299 -1.06 29.53 3.01
C LEU A 299 -1.95 29.64 4.24
N GLY A 300 -2.50 28.51 4.66
CA GLY A 300 -3.26 28.39 5.88
C GLY A 300 -2.36 28.31 7.11
N GLY A 301 -2.81 27.56 8.10
CA GLY A 301 -2.21 27.57 9.42
C GLY A 301 -3.15 26.99 10.44
N GLY A 302 -2.90 27.36 11.70
CA GLY A 302 -3.77 26.93 12.76
C GLY A 302 -5.13 27.57 12.60
N GLY A 303 -6.07 27.13 13.40
CA GLY A 303 -7.45 27.59 13.34
C GLY A 303 -8.37 26.51 13.84
N TYR A 304 -9.03 26.78 14.97
CA TYR A 304 -9.66 25.74 15.76
C TYR A 304 -11.15 26.02 15.99
N THR A 305 -11.63 27.22 15.73
CA THR A 305 -13.09 27.42 15.70
C THR A 305 -13.47 27.39 14.22
N ILE A 306 -13.96 26.26 13.73
CA ILE A 306 -13.81 26.01 12.32
C ILE A 306 -14.77 26.88 11.51
N ARG A 307 -15.93 27.23 12.04
CA ARG A 307 -16.79 28.20 11.30
C ARG A 307 -16.02 29.50 11.00
N ASN A 308 -15.19 29.96 11.92
CA ASN A 308 -14.50 31.24 11.72
C ASN A 308 -13.29 31.06 10.79
N VAL A 309 -12.66 29.89 10.81
CA VAL A 309 -11.59 29.57 9.86
C VAL A 309 -12.18 29.65 8.45
N ALA A 310 -13.34 29.05 8.25
CA ALA A 310 -13.96 29.04 6.92
C ALA A 310 -14.30 30.47 6.47
N ARG A 311 -14.85 31.26 7.37
CA ARG A 311 -15.14 32.65 7.07
C ARG A 311 -13.87 33.42 6.72
N CYS A 312 -12.81 33.20 7.50
CA CYS A 312 -11.58 33.94 7.35
C CYS A 312 -10.93 33.69 5.99
N TRP A 313 -10.80 32.43 5.64
CA TRP A 313 -10.07 32.09 4.44
C TRP A 313 -10.93 32.31 3.19
N THR A 314 -12.26 32.22 3.31
CA THR A 314 -13.12 32.62 2.25
C THR A 314 -12.94 34.12 1.95
N TYR A 315 -12.99 34.93 3.00
CA TYR A 315 -12.84 36.39 2.83
C TYR A 315 -11.45 36.71 2.25
N GLU A 316 -10.42 36.02 2.72
CA GLU A 316 -9.07 36.31 2.24
C GLU A 316 -8.88 35.88 0.79
N THR A 317 -9.61 34.86 0.34
CA THR A 317 -9.63 34.51 -1.08
C THR A 317 -10.28 35.67 -1.86
N ALA A 318 -11.40 36.18 -1.36
CA ALA A 318 -12.06 37.29 -2.00
C ALA A 318 -11.13 38.51 -2.07
N VAL A 319 -10.38 38.77 -1.00
CA VAL A 319 -9.41 39.88 -0.97
C VAL A 319 -8.34 39.63 -2.03
N ALA A 320 -7.81 38.42 -2.12
CA ALA A 320 -6.81 38.13 -3.13
C ALA A 320 -7.36 38.46 -4.53
N LEU A 321 -8.67 38.19 -4.75
CA LEU A 321 -9.33 38.40 -6.01
C LEU A 321 -9.84 39.85 -6.16
N ASP A 322 -9.70 40.72 -5.17
CA ASP A 322 -10.34 42.03 -5.19
C ASP A 322 -11.79 41.93 -5.57
N CYS A 323 -12.48 40.99 -4.97
CA CYS A 323 -13.85 40.66 -5.29
C CYS A 323 -14.71 40.85 -4.03
N GLU A 324 -15.61 41.82 -4.07
CA GLU A 324 -16.47 42.14 -2.93
C GLU A 324 -17.52 41.03 -2.80
N ILE A 325 -17.72 40.50 -1.60
CA ILE A 325 -18.76 39.50 -1.39
C ILE A 325 -19.65 39.99 -0.25
N PRO A 326 -20.96 39.70 -0.32
CA PRO A 326 -21.90 40.11 0.70
C PRO A 326 -21.69 39.42 2.06
N ASN A 327 -22.13 40.11 3.09
CA ASN A 327 -21.94 39.67 4.46
C ASN A 327 -22.92 38.51 4.72
N GLU A 328 -24.06 38.52 4.03
CA GLU A 328 -25.07 37.47 4.14
C GLU A 328 -24.49 36.20 3.54
N LEU A 329 -24.35 35.12 4.33
CA LEU A 329 -23.74 33.90 3.80
C LEU A 329 -24.70 33.24 2.79
N PRO A 330 -24.16 32.72 1.71
CA PRO A 330 -24.98 31.95 0.81
C PRO A 330 -25.24 30.57 1.41
N TYR A 331 -26.31 29.93 1.01
CA TYR A 331 -26.50 28.55 1.41
C TYR A 331 -25.26 27.72 1.03
N ASN A 332 -24.96 26.72 1.83
CA ASN A 332 -23.82 25.85 1.58
C ASN A 332 -24.04 24.54 2.36
N ASP A 333 -23.16 23.57 2.14
CA ASP A 333 -23.31 22.23 2.75
C ASP A 333 -23.13 22.24 4.30
N TYR A 334 -22.57 23.32 4.85
CA TYR A 334 -22.25 23.45 6.26
C TYR A 334 -23.01 24.63 6.87
N PHE A 335 -24.10 25.01 6.25
CA PHE A 335 -24.75 26.25 6.64
C PHE A 335 -24.99 26.32 8.16
N GLU A 336 -25.42 25.23 8.79
CA GLU A 336 -25.82 25.21 10.22
C GLU A 336 -24.62 25.57 11.12
N TYR A 337 -23.40 25.45 10.62
CA TYR A 337 -22.25 25.72 11.45
C TYR A 337 -22.08 27.23 11.68
N PHE A 338 -22.77 28.03 10.85
CA PHE A 338 -22.58 29.47 10.79
C PHE A 338 -23.66 30.20 11.58
N GLY A 339 -24.53 29.47 12.26
CA GLY A 339 -25.50 30.12 13.14
C GLY A 339 -24.80 30.75 14.34
N PRO A 340 -25.48 31.58 15.09
CA PRO A 340 -26.89 31.89 14.90
C PRO A 340 -27.14 33.05 13.93
N ASP A 341 -26.11 33.67 13.40
CA ASP A 341 -26.23 34.90 12.60
C ASP A 341 -26.19 34.64 11.09
N PHE A 342 -25.45 33.62 10.63
CA PHE A 342 -25.27 33.28 9.21
C PHE A 342 -24.68 34.45 8.40
N LYS A 343 -23.74 35.18 9.00
CA LYS A 343 -22.99 36.26 8.33
C LYS A 343 -21.51 35.85 8.16
N LEU A 344 -20.83 36.48 7.22
CA LEU A 344 -19.41 36.25 6.99
C LEU A 344 -18.52 36.85 8.09
N HIS A 345 -18.81 38.08 8.49
CA HIS A 345 -17.96 38.83 9.40
C HIS A 345 -18.30 38.49 10.84
N ILE A 346 -17.32 38.67 11.74
CA ILE A 346 -17.48 38.37 13.16
C ILE A 346 -17.21 39.62 13.99
N SER A 347 -17.76 39.60 15.19
CA SER A 347 -17.59 40.65 16.17
C SER A 347 -16.45 40.28 17.11
N PRO A 348 -15.68 41.28 17.57
CA PRO A 348 -14.68 40.97 18.54
C PRO A 348 -15.38 40.68 19.87
N SER A 349 -14.68 40.04 20.78
CA SER A 349 -15.19 39.90 22.15
C SER A 349 -14.83 41.14 22.98
N ASN A 350 -15.31 41.18 24.22
CA ASN A 350 -14.93 42.27 25.14
C ASN A 350 -13.74 41.86 26.02
N MET A 351 -12.93 40.88 25.64
CA MET A 351 -11.73 40.55 26.42
C MET A 351 -10.77 41.75 26.45
N THR A 352 -10.04 41.90 27.55
CA THR A 352 -9.11 43.01 27.66
C THR A 352 -7.92 42.80 26.73
N ASN A 353 -7.52 43.86 26.05
CA ASN A 353 -6.29 43.89 25.31
C ASN A 353 -5.12 44.15 26.27
N GLN A 354 -4.25 43.16 26.48
CA GLN A 354 -3.10 43.30 27.39
C GLN A 354 -1.95 44.03 26.69
N ASN A 355 -2.03 44.20 25.38
CA ASN A 355 -1.04 44.93 24.61
C ASN A 355 -1.37 46.42 24.63
N THR A 356 -0.70 47.14 25.49
CA THR A 356 -0.93 48.58 25.60
C THR A 356 -0.39 49.25 24.32
N PRO A 357 -0.94 50.41 23.97
CA PRO A 357 -0.35 51.23 22.90
C PRO A 357 1.16 51.44 23.08
N GLU A 358 1.58 51.72 24.31
CA GLU A 358 2.98 51.98 24.62
C GLU A 358 3.83 50.74 24.37
N TYR A 359 3.34 49.57 24.78
CA TYR A 359 4.03 48.31 24.51
C TYR A 359 4.21 48.11 23.00
N MET A 360 3.13 48.29 22.26
CA MET A 360 3.17 48.05 20.81
C MET A 360 4.21 48.98 20.15
N GLU A 361 4.22 50.25 20.53
CA GLU A 361 5.14 51.23 19.93
C GLU A 361 6.59 50.93 20.32
N LYS A 362 6.80 50.48 21.56
CA LYS A 362 8.15 50.19 22.03
C LYS A 362 8.72 48.97 21.29
N ILE A 363 7.94 47.92 21.13
CA ILE A 363 8.43 46.73 20.42
C ILE A 363 8.70 47.10 18.96
N LYS A 364 7.79 47.86 18.36
CA LYS A 364 7.97 48.35 16.98
C LYS A 364 9.28 49.14 16.86
N GLN A 365 9.56 50.03 17.81
CA GLN A 365 10.79 50.80 17.73
C GLN A 365 12.03 49.90 17.89
N ARG A 366 11.98 48.87 18.73
CA ARG A 366 13.14 47.96 18.84
C ARG A 366 13.36 47.24 17.50
N LEU A 367 12.29 46.75 16.87
CA LEU A 367 12.41 46.06 15.58
C LEU A 367 12.92 47.02 14.49
N PHE A 368 12.50 48.26 14.47
CA PHE A 368 13.06 49.24 13.50
C PHE A 368 14.57 49.42 13.70
N GLU A 369 15.08 49.41 14.93
CA GLU A 369 16.54 49.54 15.15
C GLU A 369 17.27 48.36 14.49
N ASN A 370 16.73 47.14 14.66
CA ASN A 370 17.33 45.93 14.06
C ASN A 370 17.30 46.02 12.52
N LEU A 371 16.21 46.52 11.95
CA LEU A 371 16.11 46.61 10.48
C LEU A 371 17.08 47.66 9.91
N ARG A 372 17.50 48.66 10.68
CA ARG A 372 18.51 49.63 10.24
C ARG A 372 19.88 48.95 10.07
N MET A 373 20.03 47.73 10.56
CA MET A 373 21.30 47.03 10.47
C MET A 373 21.41 46.24 9.16
N LEU A 374 20.38 46.20 8.31
CA LEU A 374 20.51 45.55 6.98
C LEU A 374 21.39 46.41 6.07
N PRO A 375 22.17 45.80 5.14
CA PRO A 375 23.18 46.49 4.32
C PRO A 375 22.62 47.56 3.37
N LYS B 9 -22.31 2.83 -9.54
CA LYS B 9 -21.54 2.68 -10.81
C LYS B 9 -20.04 2.52 -10.49
N LYS B 10 -19.30 1.94 -11.42
CA LYS B 10 -17.86 1.76 -11.26
C LYS B 10 -17.17 3.12 -11.25
N LYS B 11 -16.21 3.28 -10.32
CA LYS B 11 -15.50 4.53 -10.14
C LYS B 11 -14.28 4.59 -11.08
N VAL B 12 -14.05 5.75 -11.68
CA VAL B 12 -12.93 5.93 -12.57
C VAL B 12 -12.06 7.08 -12.08
N CYS B 13 -10.76 6.83 -12.00
CA CYS B 13 -9.81 7.92 -11.71
CA CYS B 13 -9.78 7.86 -11.69
C CYS B 13 -8.91 8.07 -12.94
N TYR B 14 -8.49 9.32 -13.19
CA TYR B 14 -7.85 9.69 -14.42
C TYR B 14 -6.68 10.63 -14.11
N TYR B 15 -5.54 10.41 -14.75
CA TYR B 15 -4.29 11.14 -14.48
C TYR B 15 -3.92 12.00 -15.67
N TYR B 16 -3.61 13.25 -15.39
CA TYR B 16 -3.24 14.19 -16.42
C TYR B 16 -2.38 15.29 -15.80
N ASP B 17 -1.22 15.56 -16.38
CA ASP B 17 -0.48 16.76 -16.00
C ASP B 17 -0.48 17.70 -17.18
N GLY B 18 -0.85 18.93 -16.90
CA GLY B 18 -0.99 19.98 -17.89
C GLY B 18 0.29 20.32 -18.64
N ASP B 19 1.47 19.89 -18.18
CA ASP B 19 2.69 20.14 -18.97
C ASP B 19 3.08 19.01 -19.93
N ILE B 20 2.36 17.90 -19.89
CA ILE B 20 2.77 16.74 -20.65
C ILE B 20 2.85 17.10 -22.15
N GLY B 21 1.92 17.92 -22.63
CA GLY B 21 1.89 18.27 -24.05
C GLY B 21 2.97 19.24 -24.49
N ASN B 22 3.78 19.77 -23.57
CA ASN B 22 4.83 20.72 -23.89
C ASN B 22 6.19 20.04 -24.10
N TYR B 23 6.32 18.73 -23.89
CA TYR B 23 7.60 18.04 -24.18
C TYR B 23 7.60 17.70 -25.67
N TYR B 24 8.74 17.87 -26.30
CA TYR B 24 8.84 17.87 -27.77
C TYR B 24 10.01 16.98 -28.22
N TYR B 25 9.69 15.96 -28.97
CA TYR B 25 10.69 15.00 -29.42
C TYR B 25 11.60 15.60 -30.49
N GLY B 26 11.23 16.72 -31.11
CA GLY B 26 12.08 17.33 -32.16
C GLY B 26 11.39 17.34 -33.51
N GLN B 27 11.87 18.23 -34.38
CA GLN B 27 11.32 18.40 -35.73
C GLN B 27 11.33 17.07 -36.49
N GLY B 28 10.18 16.69 -37.03
CA GLY B 28 10.06 15.51 -37.88
C GLY B 28 9.90 14.22 -37.08
N HIS B 29 9.86 14.29 -35.74
CA HIS B 29 9.63 13.08 -34.98
C HIS B 29 8.13 12.86 -34.89
N PRO B 30 7.66 11.64 -35.24
CA PRO B 30 6.22 11.41 -35.25
C PRO B 30 5.55 11.32 -33.86
N MET B 31 6.32 11.13 -32.78
CA MET B 31 5.69 11.05 -31.45
C MET B 31 5.43 12.48 -30.96
N LYS B 32 4.16 12.79 -30.70
CA LYS B 32 3.73 14.16 -30.38
C LYS B 32 2.94 14.16 -29.06
N PRO B 33 3.62 14.43 -27.95
CA PRO B 33 2.94 14.46 -26.65
C PRO B 33 1.74 15.41 -26.57
N HIS B 34 1.70 16.42 -27.43
CA HIS B 34 0.56 17.33 -27.59
C HIS B 34 -0.76 16.56 -27.75
N ARG B 35 -0.70 15.34 -28.30
CA ARG B 35 -1.89 14.53 -28.49
C ARG B 35 -2.57 14.24 -27.15
N ILE B 36 -1.82 14.21 -26.04
CA ILE B 36 -2.45 13.95 -24.72
C ILE B 36 -3.27 15.19 -24.31
N ARG B 37 -2.73 16.37 -24.57
CA ARG B 37 -3.43 17.63 -24.27
C ARG B 37 -4.71 17.72 -25.12
N MET B 38 -4.62 17.34 -26.39
CA MET B 38 -5.81 17.36 -27.25
C MET B 38 -6.88 16.39 -26.72
N THR B 39 -6.47 15.23 -26.29
CA THR B 39 -7.35 14.25 -25.69
C THR B 39 -8.05 14.85 -24.46
N HIS B 40 -7.23 15.41 -23.59
CA HIS B 40 -7.74 15.96 -22.33
C HIS B 40 -8.77 17.06 -22.61
N ASN B 41 -8.46 17.94 -23.55
CA ASN B 41 -9.29 19.09 -23.84
C ASN B 41 -10.62 18.62 -24.49
N LEU B 42 -10.57 17.60 -25.32
CA LEU B 42 -11.81 17.16 -25.96
C LEU B 42 -12.79 16.60 -24.92
N LEU B 43 -12.22 15.77 -24.10
CA LEU B 43 -12.84 15.10 -23.02
C LEU B 43 -13.42 16.10 -22.01
N LEU B 44 -12.71 17.17 -21.66
CA LEU B 44 -13.27 18.23 -20.82
C LEU B 44 -14.50 18.88 -21.48
N ASN B 45 -14.43 19.08 -22.78
CA ASN B 45 -15.44 19.81 -23.50
C ASN B 45 -16.68 18.94 -23.73
N TYR B 46 -16.53 17.63 -23.63
CA TYR B 46 -17.66 16.73 -23.60
C TYR B 46 -18.30 16.68 -22.21
N GLY B 47 -17.62 17.18 -21.18
CA GLY B 47 -18.16 17.19 -19.82
C GLY B 47 -17.80 15.94 -19.01
N LEU B 48 -16.89 15.10 -19.50
CA LEU B 48 -16.61 13.84 -18.84
C LEU B 48 -15.92 14.05 -17.48
N TYR B 49 -15.35 15.23 -17.24
CA TYR B 49 -14.78 15.53 -15.92
C TYR B 49 -15.84 15.47 -14.81
N ARG B 50 -17.13 15.66 -15.15
CA ARG B 50 -18.21 15.64 -14.14
C ARG B 50 -18.39 14.24 -13.56
N LYS B 51 -17.84 13.21 -14.18
CA LYS B 51 -18.18 11.86 -13.83
C LYS B 51 -16.94 11.09 -13.32
N MET B 52 -15.76 11.70 -13.31
CA MET B 52 -14.60 10.94 -12.82
C MET B 52 -13.70 11.81 -11.95
N GLU B 53 -12.80 11.16 -11.26
CA GLU B 53 -11.85 11.86 -10.41
C GLU B 53 -10.59 12.11 -11.24
N ILE B 54 -10.16 13.36 -11.32
CA ILE B 54 -9.00 13.72 -12.10
C ILE B 54 -7.87 14.13 -11.14
N TYR B 55 -6.69 13.58 -11.38
CA TYR B 55 -5.54 13.78 -10.55
C TYR B 55 -4.36 14.19 -11.43
N ARG B 56 -3.48 15.01 -10.90
CA ARG B 56 -2.18 15.22 -11.51
C ARG B 56 -1.24 14.11 -10.99
N PRO B 57 -0.47 13.48 -11.89
CA PRO B 57 0.49 12.49 -11.45
C PRO B 57 1.61 13.18 -10.64
N HIS B 58 2.21 12.47 -9.70
CA HIS B 58 3.48 12.87 -9.12
C HIS B 58 4.60 12.62 -10.12
N LYS B 59 5.78 13.17 -9.89
CA LYS B 59 6.95 12.82 -10.68
C LYS B 59 7.57 11.54 -10.08
N ALA B 60 7.50 10.45 -10.79
CA ALA B 60 8.03 9.21 -10.27
C ALA B 60 9.51 9.42 -9.92
N THR B 61 9.92 8.85 -8.79
CA THR B 61 11.25 9.02 -8.26
C THR B 61 12.18 8.01 -8.92
N ALA B 62 13.49 8.26 -8.82
CA ALA B 62 14.49 7.26 -9.24
C ALA B 62 14.30 5.94 -8.48
N GLU B 63 13.95 6.03 -7.20
CA GLU B 63 13.62 4.88 -6.37
C GLU B 63 12.53 4.04 -7.02
N GLU B 64 11.45 4.69 -7.46
CA GLU B 64 10.32 3.99 -8.10
C GLU B 64 10.76 3.34 -9.42
N MET B 65 11.53 4.06 -10.23
CA MET B 65 11.87 3.57 -11.56
C MET B 65 12.88 2.43 -11.46
N THR B 66 13.74 2.46 -10.43
CA THR B 66 14.75 1.40 -10.26
C THR B 66 14.12 0.15 -9.64
N LYS B 67 12.79 0.07 -9.44
CA LYS B 67 12.19 -1.19 -9.08
C LYS B 67 12.30 -2.14 -10.29
N TYR B 68 12.53 -1.58 -11.48
CA TYR B 68 12.78 -2.40 -12.65
C TYR B 68 14.07 -2.02 -13.39
N HIS B 69 14.22 -0.74 -13.73
CA HIS B 69 15.34 -0.29 -14.53
C HIS B 69 16.62 -0.27 -13.68
N SER B 70 17.74 -0.46 -14.36
CA SER B 70 19.04 -0.43 -13.71
C SER B 70 19.39 0.99 -13.24
N ASP B 71 20.15 1.07 -12.16
CA ASP B 71 20.58 2.31 -11.59
C ASP B 71 21.40 3.15 -12.59
N GLU B 72 22.29 2.49 -13.34
CA GLU B 72 23.15 3.22 -14.27
C GLU B 72 22.26 3.88 -15.35
N TYR B 73 21.22 3.19 -15.81
CA TYR B 73 20.39 3.68 -16.90
C TYR B 73 19.54 4.88 -16.43
N ILE B 74 19.00 4.81 -15.22
CA ILE B 74 18.15 5.87 -14.71
C ILE B 74 19.02 7.09 -14.39
N LYS B 75 20.22 6.90 -13.85
CA LYS B 75 21.17 7.99 -13.61
C LYS B 75 21.53 8.71 -14.93
N PHE B 76 21.73 7.94 -16.00
CA PHE B 76 22.01 8.49 -17.32
C PHE B 76 20.82 9.32 -17.83
N LEU B 77 19.61 8.81 -17.68
CA LEU B 77 18.44 9.57 -18.11
C LEU B 77 18.31 10.88 -17.31
N ARG B 78 18.73 10.85 -16.05
CA ARG B 78 18.66 12.02 -15.17
C ARG B 78 19.77 13.02 -15.52
N SER B 79 20.74 12.62 -16.37
CA SER B 79 21.95 13.40 -16.59
C SER B 79 21.97 14.03 -17.99
N ILE B 80 21.48 13.29 -18.97
CA ILE B 80 21.64 13.60 -20.39
C ILE B 80 20.76 14.80 -20.77
N ARG B 81 21.37 15.74 -21.47
CA ARG B 81 20.74 16.96 -21.93
C ARG B 81 21.26 17.30 -23.33
N PRO B 82 20.47 18.04 -24.13
CA PRO B 82 20.99 18.48 -25.43
C PRO B 82 22.39 19.09 -25.34
N ASP B 83 22.65 19.90 -24.32
CA ASP B 83 23.95 20.56 -24.21
C ASP B 83 25.12 19.73 -23.65
N ASN B 84 24.94 18.45 -23.27
CA ASN B 84 26.10 17.65 -22.81
C ASN B 84 26.25 16.34 -23.62
N MET B 85 25.47 16.19 -24.70
CA MET B 85 25.45 14.95 -25.49
C MET B 85 26.85 14.56 -25.95
N SER B 86 27.66 15.52 -26.34
CA SER B 86 28.99 15.25 -26.79
C SER B 86 29.78 14.52 -25.68
N GLU B 87 29.57 14.90 -24.42
CA GLU B 87 30.31 14.29 -23.29
C GLU B 87 29.78 12.89 -22.96
N TYR B 88 28.61 12.53 -23.47
CA TYR B 88 27.90 11.31 -23.05
C TYR B 88 27.72 10.34 -24.23
N SER B 89 28.47 10.50 -25.33
CA SER B 89 28.15 9.80 -26.57
C SER B 89 28.25 8.26 -26.41
N LYS B 90 29.20 7.79 -25.61
CA LYS B 90 29.41 6.36 -25.36
C LYS B 90 28.21 5.78 -24.57
N GLN B 91 27.72 6.54 -23.60
CA GLN B 91 26.56 6.08 -22.82
C GLN B 91 25.30 6.17 -23.71
N MET B 92 25.24 7.13 -24.61
CA MET B 92 24.08 7.24 -25.51
C MET B 92 23.96 5.98 -26.38
N GLN B 93 25.09 5.52 -26.89
CA GLN B 93 25.18 4.27 -27.66
C GLN B 93 24.72 3.09 -26.78
N ARG B 94 25.28 2.99 -25.59
CA ARG B 94 25.03 1.90 -24.64
C ARG B 94 23.55 1.84 -24.28
N PHE B 95 22.89 2.98 -24.04
CA PHE B 95 21.50 2.99 -23.57
C PHE B 95 20.52 3.21 -24.73
N ASN B 96 21.04 3.27 -25.95
CA ASN B 96 20.23 3.37 -27.17
C ASN B 96 19.41 4.67 -27.19
N VAL B 97 20.00 5.76 -26.72
CA VAL B 97 19.32 7.04 -26.75
C VAL B 97 20.04 7.91 -27.79
N GLY B 98 19.29 8.54 -28.67
CA GLY B 98 19.87 9.50 -29.62
C GLY B 98 19.35 9.33 -31.04
N GLU B 99 18.59 8.27 -31.33
CA GLU B 99 18.06 8.05 -32.70
C GLU B 99 16.54 8.06 -32.65
N ASP B 100 15.88 6.90 -32.57
CA ASP B 100 14.42 6.79 -32.39
C ASP B 100 13.97 7.44 -31.10
N CYS B 101 14.86 7.41 -30.12
CA CYS B 101 14.60 7.90 -28.76
C CYS B 101 15.57 9.06 -28.50
N PRO B 102 15.21 10.25 -29.01
CA PRO B 102 16.17 11.34 -28.97
C PRO B 102 16.38 11.94 -27.57
N VAL B 103 17.42 12.73 -27.46
CA VAL B 103 17.63 13.54 -26.29
C VAL B 103 16.85 14.85 -26.47
N PHE B 104 15.99 15.19 -25.52
CA PHE B 104 15.30 16.48 -25.61
C PHE B 104 15.20 17.15 -24.23
N ASP B 105 14.96 18.47 -24.25
CA ASP B 105 14.79 19.24 -23.03
C ASP B 105 13.69 18.65 -22.16
N GLY B 106 14.01 18.38 -20.89
CA GLY B 106 13.01 17.90 -19.95
C GLY B 106 12.73 16.40 -20.10
N LEU B 107 13.60 15.68 -20.78
CA LEU B 107 13.38 14.25 -21.05
C LEU B 107 13.04 13.52 -19.73
N PHE B 108 13.87 13.72 -18.72
CA PHE B 108 13.69 12.94 -17.50
C PHE B 108 12.34 13.26 -16.83
N GLU B 109 12.02 14.54 -16.72
CA GLU B 109 10.75 14.99 -16.16
C GLU B 109 9.57 14.37 -16.90
N PHE B 110 9.66 14.34 -18.21
CA PHE B 110 8.64 13.70 -19.05
C PHE B 110 8.45 12.23 -18.66
N CYS B 111 9.55 11.51 -18.52
CA CYS B 111 9.51 10.13 -18.06
C CYS B 111 8.84 10.06 -16.68
N GLN B 112 9.17 10.99 -15.79
CA GLN B 112 8.63 10.98 -14.42
C GLN B 112 7.11 11.15 -14.42
N LEU B 113 6.57 12.01 -15.27
CA LEU B 113 5.12 12.29 -15.29
C LEU B 113 4.33 11.14 -15.92
N SER B 114 4.90 10.61 -17.00
CA SER B 114 4.38 9.46 -17.69
C SER B 114 4.25 8.26 -16.74
N THR B 115 5.36 7.90 -16.11
CA THR B 115 5.41 6.81 -15.17
C THR B 115 4.58 7.07 -13.91
N GLY B 116 4.55 8.33 -13.42
CA GLY B 116 3.84 8.66 -12.20
C GLY B 116 2.36 8.34 -12.26
N GLY B 117 1.75 8.63 -13.40
CA GLY B 117 0.33 8.33 -13.62
C GLY B 117 0.05 6.83 -13.52
N SER B 118 0.91 6.01 -14.09
CA SER B 118 0.67 4.58 -14.14
C SER B 118 0.81 3.96 -12.74
N VAL B 119 1.89 4.32 -12.05
CA VAL B 119 2.15 3.79 -10.73
C VAL B 119 1.10 4.33 -9.75
N ALA B 120 0.74 5.60 -9.85
CA ALA B 120 -0.29 6.12 -8.96
C ALA B 120 -1.60 5.36 -9.18
N GLY B 121 -1.92 5.06 -10.43
CA GLY B 121 -3.14 4.35 -10.74
C GLY B 121 -3.15 2.96 -10.15
N ALA B 122 -2.03 2.27 -10.29
CA ALA B 122 -1.86 0.95 -9.72
C ALA B 122 -2.04 0.97 -8.20
N VAL B 123 -1.50 1.99 -7.53
CA VAL B 123 -1.64 2.11 -6.10
C VAL B 123 -3.13 2.31 -5.75
N LYS B 124 -3.85 3.11 -6.49
CA LYS B 124 -5.28 3.35 -6.22
C LYS B 124 -6.08 2.06 -6.40
N LEU B 125 -5.78 1.29 -7.43
CA LEU B 125 -6.46 0.00 -7.64
C LEU B 125 -6.17 -0.95 -6.47
N ASN B 126 -4.91 -1.08 -6.07
CA ASN B 126 -4.48 -1.90 -4.91
C ASN B 126 -5.21 -1.52 -3.61
N ARG B 127 -5.40 -0.22 -3.38
CA ARG B 127 -6.08 0.29 -2.17
C ARG B 127 -7.59 0.22 -2.31
N GLN B 128 -8.11 -0.23 -3.45
CA GLN B 128 -9.55 -0.46 -3.65
C GLN B 128 -10.28 0.88 -3.54
N GLN B 129 -9.62 1.95 -3.97
CA GLN B 129 -10.18 3.29 -3.95
C GLN B 129 -10.83 3.60 -5.31
N THR B 130 -10.52 2.82 -6.34
CA THR B 130 -11.15 2.96 -7.63
C THR B 130 -11.26 1.58 -8.27
N ASP B 131 -12.15 1.46 -9.25
CA ASP B 131 -12.30 0.27 -10.09
C ASP B 131 -11.51 0.28 -11.38
N MET B 132 -11.33 1.49 -11.93
CA MET B 132 -10.52 1.73 -13.11
C MET B 132 -9.65 2.96 -12.88
N ALA B 133 -8.44 2.90 -13.38
CA ALA B 133 -7.55 4.05 -13.41
C ALA B 133 -7.08 4.22 -14.85
N VAL B 134 -7.00 5.47 -15.31
CA VAL B 134 -6.65 5.79 -16.67
C VAL B 134 -5.45 6.74 -16.70
N ASN B 135 -4.46 6.44 -17.51
CA ASN B 135 -3.29 7.25 -17.73
C ASN B 135 -2.92 7.19 -19.21
N TRP B 136 -3.46 8.12 -19.98
CA TRP B 136 -3.25 8.15 -21.41
C TRP B 136 -1.80 8.49 -21.76
N ALA B 137 -1.09 9.16 -20.86
CA ALA B 137 0.34 9.43 -21.04
C ALA B 137 1.22 8.20 -20.82
N GLY B 138 0.70 7.08 -20.34
CA GLY B 138 1.55 5.89 -20.15
C GLY B 138 1.46 4.92 -21.33
N GLY B 139 1.84 3.68 -21.08
CA GLY B 139 1.75 2.63 -22.11
C GLY B 139 3.02 2.45 -22.92
N LEU B 140 4.14 2.76 -22.29
CA LEU B 140 5.43 2.78 -22.99
C LEU B 140 6.06 1.38 -23.02
N HIS B 141 5.48 0.51 -23.84
CA HIS B 141 5.69 -0.93 -23.76
C HIS B 141 7.04 -1.43 -24.30
N HIS B 142 7.90 -0.61 -24.92
CA HIS B 142 9.18 -1.07 -25.50
C HIS B 142 10.41 -0.87 -24.58
N ALA B 143 10.33 0.00 -23.58
CA ALA B 143 11.54 0.31 -22.80
C ALA B 143 12.02 -0.95 -22.07
N LYS B 144 13.33 -1.11 -22.02
CA LYS B 144 13.96 -2.31 -21.44
C LYS B 144 14.69 -1.92 -20.15
N LYS B 145 15.19 -2.92 -19.42
CA LYS B 145 15.82 -2.71 -18.11
C LYS B 145 16.89 -1.59 -18.19
N SER B 146 17.72 -1.66 -19.21
CA SER B 146 18.86 -0.78 -19.37
C SER B 146 18.90 -0.20 -20.78
N GLU B 147 17.75 0.04 -21.38
CA GLU B 147 17.72 0.42 -22.79
C GLU B 147 16.42 1.15 -23.14
N ALA B 148 16.56 2.30 -23.81
CA ALA B 148 15.41 2.94 -24.47
C ALA B 148 15.13 2.21 -25.79
N SER B 149 13.90 2.28 -26.26
CA SER B 149 13.56 1.66 -27.51
C SER B 149 12.19 2.17 -27.96
N GLY B 150 12.01 2.39 -29.25
CA GLY B 150 10.67 2.61 -29.81
C GLY B 150 9.96 3.80 -29.21
N PHE B 151 10.74 4.88 -29.03
CA PHE B 151 10.24 6.18 -28.55
C PHE B 151 10.01 6.16 -27.03
N CYS B 152 10.33 5.03 -26.38
CA CYS B 152 10.07 4.75 -24.94
C CYS B 152 11.38 4.79 -24.17
N TYR B 153 11.41 5.42 -22.99
CA TYR B 153 12.62 5.45 -22.15
C TYR B 153 12.39 4.68 -20.85
N VAL B 154 11.24 4.86 -20.22
CA VAL B 154 10.97 4.21 -18.92
C VAL B 154 9.68 3.40 -19.06
N ASN B 155 9.75 2.12 -18.69
CA ASN B 155 8.63 1.24 -18.88
C ASN B 155 7.67 1.38 -17.71
N ASP B 156 6.75 2.33 -17.83
CA ASP B 156 5.70 2.57 -16.84
C ASP B 156 4.81 1.37 -16.62
N ILE B 157 4.61 0.59 -17.68
CA ILE B 157 3.72 -0.57 -17.58
C ILE B 157 4.34 -1.62 -16.67
N VAL B 158 5.64 -1.91 -16.85
CA VAL B 158 6.30 -2.89 -16.03
C VAL B 158 6.26 -2.44 -14.56
N LEU B 159 6.48 -1.17 -14.32
CA LEU B 159 6.49 -0.62 -12.96
C LEU B 159 5.10 -0.66 -12.32
N ALA B 160 4.06 -0.40 -13.10
CA ALA B 160 2.69 -0.46 -12.60
C ALA B 160 2.30 -1.92 -12.29
N ILE B 161 2.76 -2.87 -13.11
CA ILE B 161 2.47 -4.28 -12.87
C ILE B 161 3.20 -4.73 -11.61
N LEU B 162 4.48 -4.39 -11.45
CA LEU B 162 5.20 -4.70 -10.22
C LEU B 162 4.44 -4.16 -9.00
N GLU B 163 3.86 -2.97 -9.09
CA GLU B 163 3.06 -2.45 -7.97
C GLU B 163 1.85 -3.36 -7.75
N LEU B 164 1.13 -3.71 -8.83
CA LEU B 164 -0.06 -4.58 -8.66
C LEU B 164 0.34 -5.92 -8.03
N LEU B 165 1.52 -6.42 -8.37
CA LEU B 165 1.94 -7.75 -7.90
C LEU B 165 2.18 -7.78 -6.40
N LYS B 166 2.26 -6.63 -5.74
CA LYS B 166 2.28 -6.59 -4.30
C LYS B 166 1.02 -7.22 -3.71
N TYR B 167 -0.13 -6.99 -4.34
CA TYR B 167 -1.41 -7.40 -3.79
C TYR B 167 -2.10 -8.47 -4.65
N HIS B 168 -1.69 -8.67 -5.91
CA HIS B 168 -2.36 -9.60 -6.81
C HIS B 168 -1.41 -10.74 -7.20
N GLN B 169 -1.87 -11.98 -7.00
CA GLN B 169 -1.05 -13.15 -7.33
C GLN B 169 -0.88 -13.26 -8.85
N ARG B 170 -1.91 -12.91 -9.61
CA ARG B 170 -1.91 -13.05 -11.08
C ARG B 170 -2.43 -11.77 -11.72
N VAL B 171 -1.61 -11.18 -12.57
CA VAL B 171 -1.97 -9.98 -13.30
C VAL B 171 -1.93 -10.28 -14.81
N LEU B 172 -2.95 -9.80 -15.49
CA LEU B 172 -3.09 -9.95 -16.94
C LEU B 172 -2.80 -8.61 -17.61
N TYR B 173 -1.91 -8.66 -18.58
CA TYR B 173 -1.56 -7.55 -19.42
C TYR B 173 -2.10 -7.79 -20.83
N ILE B 174 -2.83 -6.81 -21.38
CA ILE B 174 -3.39 -6.93 -22.76
C ILE B 174 -2.94 -5.72 -23.58
N ASP B 175 -2.43 -5.95 -24.79
CA ASP B 175 -1.78 -4.92 -25.61
C ASP B 175 -2.45 -4.87 -27.00
N ILE B 176 -3.22 -3.81 -27.27
CA ILE B 176 -3.91 -3.67 -28.54
C ILE B 176 -3.23 -2.61 -29.42
N ASP B 177 -2.11 -2.06 -28.98
CA ASP B 177 -1.23 -1.29 -29.86
C ASP B 177 -0.88 -2.13 -31.09
N ILE B 178 -0.67 -1.54 -32.25
CA ILE B 178 -0.28 -2.27 -33.44
C ILE B 178 1.09 -2.94 -33.30
N HIS B 179 1.95 -2.45 -32.39
CA HIS B 179 3.28 -2.99 -32.18
C HIS B 179 3.23 -4.02 -31.06
N HIS B 180 4.12 -5.00 -31.13
CA HIS B 180 4.29 -5.99 -30.10
C HIS B 180 4.80 -5.33 -28.81
N GLY B 181 4.19 -5.68 -27.68
CA GLY B 181 4.68 -5.16 -26.40
C GLY B 181 5.90 -5.90 -25.88
N ASP B 182 7.04 -5.73 -26.53
CA ASP B 182 8.21 -6.55 -26.26
C ASP B 182 8.86 -6.32 -24.89
N GLY B 183 8.84 -5.06 -24.40
CA GLY B 183 9.47 -4.73 -23.15
C GLY B 183 8.72 -5.38 -22.00
N VAL B 184 7.42 -5.35 -22.09
CA VAL B 184 6.60 -5.89 -21.06
C VAL B 184 6.74 -7.41 -21.09
N GLU B 185 6.71 -7.99 -22.28
CA GLU B 185 6.80 -9.44 -22.41
C GLU B 185 8.14 -9.93 -21.89
N GLU B 186 9.22 -9.22 -22.21
CA GLU B 186 10.55 -9.60 -21.76
C GLU B 186 10.66 -9.58 -20.21
N ALA B 187 10.15 -8.53 -19.60
CA ALA B 187 10.20 -8.38 -18.14
C ALA B 187 9.53 -9.56 -17.43
N PHE B 188 8.44 -10.09 -17.98
CA PHE B 188 7.66 -11.14 -17.29
C PHE B 188 7.69 -12.49 -18.01
N TYR B 189 8.64 -12.70 -18.91
CA TYR B 189 8.66 -13.87 -19.77
C TYR B 189 8.83 -15.16 -18.96
N THR B 190 9.51 -15.11 -17.80
CA THR B 190 9.83 -16.31 -17.07
C THR B 190 8.96 -16.45 -15.82
N THR B 191 7.86 -15.72 -15.69
CA THR B 191 6.99 -15.87 -14.52
C THR B 191 5.56 -16.15 -14.98
N ASP B 192 4.88 -16.96 -14.19
CA ASP B 192 3.44 -17.18 -14.36
C ASP B 192 2.57 -16.16 -13.62
N ARG B 193 3.17 -15.17 -12.94
CA ARG B 193 2.38 -14.22 -12.13
C ARG B 193 1.90 -13.04 -12.98
N VAL B 194 2.42 -12.95 -14.19
CA VAL B 194 1.92 -12.03 -15.20
C VAL B 194 1.75 -12.80 -16.52
N MET B 195 0.56 -12.73 -17.08
CA MET B 195 0.33 -13.25 -18.41
C MET B 195 0.27 -12.06 -19.36
N THR B 196 1.07 -12.06 -20.41
CA THR B 196 1.07 -10.97 -21.39
C THR B 196 0.35 -11.45 -22.65
N VAL B 197 -0.63 -10.68 -23.14
CA VAL B 197 -1.34 -10.98 -24.34
C VAL B 197 -1.19 -9.80 -25.31
N SER B 198 -0.50 -9.99 -26.45
CA SER B 198 -0.33 -8.94 -27.46
C SER B 198 -0.94 -9.35 -28.80
N PHE B 199 -1.74 -8.44 -29.38
CA PHE B 199 -2.18 -8.47 -30.78
C PHE B 199 -1.35 -7.42 -31.51
N HIS B 200 -0.81 -7.73 -32.67
CA HIS B 200 0.12 -6.79 -33.29
C HIS B 200 0.39 -7.24 -34.71
N LYS B 201 0.78 -6.28 -35.53
CA LYS B 201 1.27 -6.55 -36.83
C LYS B 201 2.61 -7.26 -36.68
N TYR B 202 2.80 -8.28 -37.49
CA TYR B 202 4.00 -9.05 -37.44
C TYR B 202 4.46 -9.36 -38.87
N GLY B 203 5.76 -9.22 -39.10
CA GLY B 203 6.41 -9.46 -40.38
C GLY B 203 7.15 -8.22 -40.85
N GLU B 204 8.46 -8.16 -40.67
CA GLU B 204 9.23 -7.01 -41.14
C GLU B 204 8.60 -5.73 -40.58
N TYR B 205 8.36 -5.72 -39.28
CA TYR B 205 7.71 -4.59 -38.65
C TYR B 205 8.28 -4.41 -37.24
N PHE B 206 8.44 -3.17 -36.82
CA PHE B 206 9.01 -2.90 -35.50
C PHE B 206 8.12 -3.54 -34.43
N PRO B 207 8.69 -4.13 -33.38
CA PRO B 207 10.10 -4.27 -33.14
C PRO B 207 10.71 -5.59 -33.64
N GLY B 208 9.93 -6.42 -34.33
CA GLY B 208 10.46 -7.66 -34.92
C GLY B 208 10.19 -8.89 -34.08
N THR B 209 9.54 -8.71 -32.93
CA THR B 209 9.28 -9.80 -31.96
C THR B 209 7.77 -10.09 -31.93
N GLY B 210 7.35 -11.02 -31.08
CA GLY B 210 5.92 -11.32 -30.98
C GLY B 210 5.48 -12.40 -31.96
N ASP B 211 6.36 -13.36 -32.24
CA ASP B 211 5.98 -14.55 -32.99
C ASP B 211 4.95 -15.36 -32.16
N LEU B 212 4.03 -16.00 -32.87
CA LEU B 212 3.09 -17.03 -32.36
C LEU B 212 3.80 -18.04 -31.44
N ARG B 213 5.00 -18.42 -31.79
CA ARG B 213 5.71 -19.49 -31.09
C ARG B 213 6.45 -18.98 -29.83
N ASP B 214 6.49 -17.68 -29.61
CA ASP B 214 7.06 -17.18 -28.35
C ASP B 214 5.98 -17.23 -27.30
N ILE B 215 6.09 -18.23 -26.42
CA ILE B 215 5.01 -18.54 -25.50
C ILE B 215 5.47 -18.40 -24.04
N GLY B 216 6.68 -17.90 -23.81
CA GLY B 216 7.23 -17.82 -22.45
C GLY B 216 8.29 -18.90 -22.21
N ALA B 217 8.93 -18.85 -21.04
CA ALA B 217 10.00 -19.82 -20.71
C ALA B 217 9.93 -20.11 -19.21
N GLY B 218 10.45 -21.27 -18.82
CA GLY B 218 10.50 -21.68 -17.41
C GLY B 218 9.11 -21.69 -16.80
N LYS B 219 8.97 -21.11 -15.62
CA LYS B 219 7.67 -21.07 -14.97
C LYS B 219 6.70 -20.28 -15.83
N GLY B 220 7.24 -19.43 -16.72
CA GLY B 220 6.45 -18.55 -17.59
C GLY B 220 6.01 -19.18 -18.90
N LYS B 221 6.35 -20.46 -19.13
CA LYS B 221 5.96 -21.15 -20.35
C LYS B 221 4.44 -21.25 -20.41
N TYR B 222 3.89 -20.77 -21.53
CA TYR B 222 2.47 -20.67 -21.86
C TYR B 222 1.81 -19.42 -21.25
N TYR B 223 2.59 -18.54 -20.61
CA TYR B 223 2.00 -17.34 -20.01
C TYR B 223 2.34 -16.11 -20.86
N ALA B 224 2.87 -16.32 -22.04
CA ALA B 224 2.99 -15.24 -23.02
C ALA B 224 2.18 -15.66 -24.25
N VAL B 225 1.31 -14.76 -24.73
CA VAL B 225 0.40 -15.06 -25.82
C VAL B 225 0.58 -13.95 -26.86
N ASN B 226 0.88 -14.35 -28.09
CA ASN B 226 1.11 -13.42 -29.18
C ASN B 226 0.18 -13.78 -30.34
N PHE B 227 -0.58 -12.80 -30.82
CA PHE B 227 -1.44 -12.97 -32.00
C PHE B 227 -0.88 -12.09 -33.14
N PRO B 228 -0.07 -12.65 -34.01
CA PRO B 228 0.45 -11.91 -35.13
C PRO B 228 -0.57 -11.70 -36.26
N MET B 229 -0.70 -10.45 -36.71
CA MET B 229 -1.70 -10.08 -37.69
C MET B 229 -1.00 -9.46 -38.90
N ARG B 230 -1.74 -9.40 -40.00
CA ARG B 230 -1.29 -8.79 -41.23
C ARG B 230 -1.98 -7.43 -41.37
N ASP B 231 -1.59 -6.65 -42.38
CA ASP B 231 -2.19 -5.35 -42.67
C ASP B 231 -3.67 -5.45 -42.96
N GLY B 232 -4.38 -4.38 -42.59
CA GLY B 232 -5.72 -4.16 -43.03
C GLY B 232 -6.77 -4.79 -42.14
N ILE B 233 -6.44 -5.30 -40.94
CA ILE B 233 -7.48 -5.92 -40.12
C ILE B 233 -8.56 -4.86 -39.82
N ASP B 234 -9.80 -5.30 -39.90
CA ASP B 234 -10.95 -4.42 -39.69
C ASP B 234 -11.64 -4.78 -38.39
N ASP B 235 -12.65 -3.99 -38.04
CA ASP B 235 -13.38 -4.12 -36.78
C ASP B 235 -13.97 -5.52 -36.57
N GLU B 236 -14.64 -6.03 -37.58
CA GLU B 236 -15.33 -7.32 -37.47
C GLU B 236 -14.32 -8.46 -37.21
N SER B 237 -13.23 -8.47 -37.97
CA SER B 237 -12.20 -9.51 -37.83
C SER B 237 -11.54 -9.44 -36.46
N TYR B 238 -11.18 -8.22 -36.02
CA TYR B 238 -10.53 -8.03 -34.76
C TYR B 238 -11.46 -8.47 -33.63
N GLY B 239 -12.70 -8.03 -33.68
CA GLY B 239 -13.68 -8.37 -32.65
C GLY B 239 -13.87 -9.88 -32.52
N GLN B 240 -13.87 -10.59 -33.63
CA GLN B 240 -14.08 -12.04 -33.63
C GLN B 240 -12.86 -12.81 -33.12
N ILE B 241 -11.68 -12.20 -33.06
CA ILE B 241 -10.51 -12.87 -32.43
CA ILE B 241 -10.48 -12.76 -32.47
C ILE B 241 -10.38 -12.37 -30.98
N PHE B 242 -10.60 -11.08 -30.71
CA PHE B 242 -10.29 -10.53 -29.37
C PHE B 242 -11.18 -11.13 -28.28
N LYS B 243 -12.46 -11.11 -28.47
CA LYS B 243 -13.36 -11.56 -27.43
C LYS B 243 -13.15 -13.04 -27.11
N PRO B 244 -13.11 -13.94 -28.12
CA PRO B 244 -12.83 -15.32 -27.72
C PRO B 244 -11.46 -15.54 -27.06
N ILE B 245 -10.42 -14.85 -27.51
CA ILE B 245 -9.10 -15.08 -26.92
C ILE B 245 -9.11 -14.61 -25.46
N ILE B 246 -9.65 -13.42 -25.22
CA ILE B 246 -9.61 -12.83 -23.90
C ILE B 246 -10.55 -13.63 -22.98
N SER B 247 -11.73 -14.06 -23.44
CA SER B 247 -12.61 -14.95 -22.63
C SER B 247 -11.89 -16.22 -22.18
N LYS B 248 -11.16 -16.85 -23.09
CA LYS B 248 -10.44 -18.09 -22.78
C LYS B 248 -9.30 -17.79 -21.79
N VAL B 249 -8.58 -16.68 -22.00
CA VAL B 249 -7.49 -16.28 -21.10
C VAL B 249 -8.09 -16.10 -19.69
N MET B 250 -9.19 -15.38 -19.61
CA MET B 250 -9.83 -15.10 -18.32
C MET B 250 -10.21 -16.41 -17.61
N GLU B 251 -10.86 -17.32 -18.33
CA GLU B 251 -11.33 -18.57 -17.75
C GLU B 251 -10.14 -19.42 -17.26
N MET B 252 -9.05 -19.43 -18.01
CA MET B 252 -7.94 -20.34 -17.71
C MET B 252 -6.99 -19.69 -16.69
N TYR B 253 -6.74 -18.41 -16.83
CA TYR B 253 -5.70 -17.74 -16.02
C TYR B 253 -6.30 -17.11 -14.75
N GLN B 254 -7.56 -16.69 -14.82
CA GLN B 254 -8.29 -16.17 -13.65
C GLN B 254 -7.45 -15.10 -12.93
N PRO B 255 -7.17 -13.99 -13.61
CA PRO B 255 -6.37 -12.94 -13.01
C PRO B 255 -7.24 -12.14 -12.04
N SER B 256 -6.60 -11.41 -11.12
CA SER B 256 -7.33 -10.56 -10.19
C SER B 256 -7.10 -9.09 -10.53
N ALA B 257 -6.27 -8.78 -11.52
CA ALA B 257 -6.15 -7.43 -12.02
C ALA B 257 -5.71 -7.48 -13.48
N VAL B 258 -6.06 -6.40 -14.21
CA VAL B 258 -5.82 -6.29 -15.63
C VAL B 258 -5.19 -4.92 -15.96
N VAL B 259 -4.18 -4.95 -16.82
CA VAL B 259 -3.60 -3.76 -17.43
C VAL B 259 -3.83 -3.83 -18.92
N LEU B 260 -4.44 -2.79 -19.50
CA LEU B 260 -4.79 -2.75 -20.91
C LEU B 260 -4.08 -1.54 -21.52
N GLN B 261 -3.17 -1.84 -22.43
CA GLN B 261 -2.46 -0.86 -23.23
C GLN B 261 -3.34 -0.61 -24.46
N CYS B 262 -3.77 0.64 -24.65
CA CYS B 262 -4.73 1.00 -25.68
C CYS B 262 -4.08 1.80 -26.81
N GLY B 263 -2.89 1.42 -27.27
CA GLY B 263 -2.24 2.23 -28.30
C GLY B 263 -3.18 2.45 -29.48
N ALA B 264 -3.30 3.71 -29.94
CA ALA B 264 -4.27 4.08 -30.98
C ALA B 264 -3.66 3.97 -32.38
N ASP B 265 -2.45 3.43 -32.47
CA ASP B 265 -1.83 3.28 -33.75
C ASP B 265 -2.34 2.06 -34.52
N SER B 266 -3.28 1.33 -33.92
CA SER B 266 -4.01 0.26 -34.60
C SER B 266 -5.26 0.80 -35.34
N LEU B 267 -5.48 2.12 -35.33
CA LEU B 267 -6.62 2.72 -36.03
C LEU B 267 -6.31 2.96 -37.51
N SER B 268 -7.37 2.84 -38.29
CA SER B 268 -7.37 3.24 -39.69
C SER B 268 -6.74 4.61 -39.84
N GLY B 269 -5.87 4.79 -40.83
CA GLY B 269 -5.33 6.10 -41.14
C GLY B 269 -4.17 6.50 -40.24
N ASP B 270 -3.65 5.60 -39.40
CA ASP B 270 -2.49 5.95 -38.61
C ASP B 270 -1.29 6.18 -39.49
N ARG B 271 -0.50 7.21 -39.19
CA ARG B 271 0.66 7.57 -40.01
C ARG B 271 1.71 6.43 -40.00
N LEU B 272 1.81 5.66 -38.94
CA LEU B 272 2.84 4.60 -38.90
C LEU B 272 2.22 3.19 -39.00
N GLY B 273 0.94 3.05 -38.72
CA GLY B 273 0.29 1.78 -38.63
C GLY B 273 -0.40 1.41 -39.94
N CYS B 274 -0.76 0.16 -40.13
CA CYS B 274 -1.42 -0.26 -41.34
C CYS B 274 -2.60 -1.17 -41.02
N PHE B 275 -3.27 -0.93 -39.89
CA PHE B 275 -4.55 -1.59 -39.59
C PHE B 275 -5.72 -0.69 -40.01
N ASN B 276 -6.94 -1.24 -39.95
CA ASN B 276 -8.11 -0.53 -40.47
C ASN B 276 -9.22 -0.56 -39.43
N LEU B 277 -8.89 -0.39 -38.15
CA LEU B 277 -9.88 -0.33 -37.07
C LEU B 277 -10.51 1.06 -36.98
N THR B 278 -11.79 1.12 -36.63
CA THR B 278 -12.43 2.38 -36.25
C THR B 278 -12.26 2.57 -34.74
N VAL B 279 -12.61 3.75 -34.26
CA VAL B 279 -12.62 4.01 -32.84
C VAL B 279 -13.60 3.07 -32.14
N LYS B 280 -14.75 2.77 -32.72
CA LYS B 280 -15.70 1.82 -32.11
C LYS B 280 -15.09 0.42 -32.01
N GLY B 281 -14.34 -0.01 -33.00
CA GLY B 281 -13.79 -1.36 -32.97
C GLY B 281 -12.70 -1.48 -31.93
N HIS B 282 -11.89 -0.43 -31.85
CA HIS B 282 -10.84 -0.33 -30.87
C HIS B 282 -11.45 -0.36 -29.46
N ALA B 283 -12.46 0.49 -29.21
CA ALA B 283 -13.06 0.64 -27.90
C ALA B 283 -13.89 -0.59 -27.50
N LYS B 284 -14.32 -1.43 -28.45
CA LYS B 284 -14.96 -2.69 -28.14
C LYS B 284 -14.07 -3.56 -27.23
N CYS B 285 -12.76 -3.45 -27.40
CA CYS B 285 -11.81 -4.16 -26.57
C CYS B 285 -11.94 -3.70 -25.12
N VAL B 286 -12.09 -2.39 -24.90
CA VAL B 286 -12.26 -1.88 -23.57
C VAL B 286 -13.57 -2.43 -23.01
N GLU B 287 -14.67 -2.38 -23.76
CA GLU B 287 -15.96 -2.89 -23.27
C GLU B 287 -15.88 -4.39 -22.92
N VAL B 288 -15.20 -5.19 -23.75
CA VAL B 288 -15.01 -6.64 -23.46
C VAL B 288 -14.24 -6.82 -22.15
N VAL B 289 -13.12 -6.10 -21.97
CA VAL B 289 -12.31 -6.30 -20.78
C VAL B 289 -13.16 -5.93 -19.55
N LYS B 290 -13.94 -4.87 -19.64
CA LYS B 290 -14.79 -4.41 -18.52
C LYS B 290 -15.77 -5.47 -18.04
N THR B 291 -16.32 -6.33 -18.93
CA THR B 291 -17.39 -7.25 -18.52
C THR B 291 -16.88 -8.24 -17.47
N PHE B 292 -15.56 -8.37 -17.31
CA PHE B 292 -14.98 -9.33 -16.36
C PHE B 292 -14.92 -8.74 -14.94
N ASN B 293 -15.18 -7.44 -14.81
CA ASN B 293 -15.31 -6.76 -13.51
C ASN B 293 -14.03 -6.94 -12.69
N LEU B 294 -12.88 -6.78 -13.27
CA LEU B 294 -11.68 -6.83 -12.49
C LEU B 294 -11.12 -5.40 -12.39
N PRO B 295 -10.42 -5.08 -11.30
CA PRO B 295 -9.67 -3.81 -11.26
C PRO B 295 -8.83 -3.66 -12.56
N LEU B 296 -8.90 -2.50 -13.21
CA LEU B 296 -8.40 -2.29 -14.57
C LEU B 296 -7.60 -0.98 -14.65
N LEU B 297 -6.35 -1.09 -15.10
CA LEU B 297 -5.53 0.03 -15.44
C LEU B 297 -5.49 0.16 -16.97
N MET B 298 -6.01 1.28 -17.47
CA MET B 298 -6.04 1.58 -18.91
CA MET B 298 -6.05 1.58 -18.90
C MET B 298 -4.95 2.61 -19.23
N LEU B 299 -4.09 2.28 -20.18
CA LEU B 299 -2.96 3.12 -20.54
C LEU B 299 -3.00 3.47 -22.03
N GLY B 300 -2.25 4.53 -22.39
CA GLY B 300 -2.06 4.89 -23.79
C GLY B 300 -1.05 3.99 -24.50
N GLY B 301 -0.33 4.57 -25.44
CA GLY B 301 0.51 3.81 -26.31
C GLY B 301 0.83 4.64 -27.52
N GLY B 302 1.22 3.98 -28.61
CA GLY B 302 1.47 4.70 -29.82
C GLY B 302 0.19 5.34 -30.37
N GLY B 303 0.37 6.10 -31.43
CA GLY B 303 -0.70 6.83 -32.09
C GLY B 303 -0.12 8.10 -32.70
N TYR B 304 -0.19 8.20 -34.04
CA TYR B 304 0.60 9.13 -34.82
C TYR B 304 -0.27 10.03 -35.69
N THR B 305 -1.55 9.72 -35.85
CA THR B 305 -2.50 10.65 -36.50
C THR B 305 -3.26 11.27 -35.34
N ILE B 306 -2.86 12.46 -34.89
CA ILE B 306 -3.16 12.78 -33.51
C ILE B 306 -4.65 13.14 -33.34
N ARG B 307 -5.31 13.62 -34.37
CA ARG B 307 -6.77 13.87 -34.24
C ARG B 307 -7.50 12.56 -33.90
N ASN B 308 -7.03 11.44 -34.43
CA ASN B 308 -7.69 10.18 -34.23
C ASN B 308 -7.33 9.59 -32.86
N VAL B 309 -6.11 9.81 -32.42
CA VAL B 309 -5.72 9.49 -31.08
C VAL B 309 -6.64 10.19 -30.08
N ALA B 310 -6.84 11.52 -30.24
CA ALA B 310 -7.70 12.23 -29.33
C ALA B 310 -9.12 11.64 -29.33
N ARG B 311 -9.65 11.31 -30.51
CA ARG B 311 -11.00 10.73 -30.63
C ARG B 311 -11.08 9.39 -29.86
N CYS B 312 -10.07 8.55 -30.07
CA CYS B 312 -10.03 7.19 -29.58
C CYS B 312 -10.07 7.20 -28.05
N TRP B 313 -9.14 7.95 -27.46
CA TRP B 313 -8.98 7.93 -26.02
C TRP B 313 -10.10 8.71 -25.36
N THR B 314 -10.67 9.72 -26.02
CA THR B 314 -11.87 10.33 -25.49
C THR B 314 -13.01 9.30 -25.41
N TYR B 315 -13.26 8.56 -26.49
CA TYR B 315 -14.37 7.63 -26.52
C TYR B 315 -14.13 6.52 -25.49
N GLU B 316 -12.89 6.07 -25.36
CA GLU B 316 -12.57 4.99 -24.44
C GLU B 316 -12.70 5.47 -22.99
N THR B 317 -12.45 6.76 -22.73
CA THR B 317 -12.77 7.31 -21.42
C THR B 317 -14.28 7.23 -21.19
N ALA B 318 -15.08 7.58 -22.20
CA ALA B 318 -16.55 7.52 -22.06
C ALA B 318 -17.02 6.07 -21.81
N VAL B 319 -16.39 5.11 -22.49
CA VAL B 319 -16.71 3.68 -22.28
C VAL B 319 -16.37 3.29 -20.84
N ALA B 320 -15.20 3.70 -20.32
CA ALA B 320 -14.84 3.40 -18.95
C ALA B 320 -15.91 3.92 -17.98
N LEU B 321 -16.46 5.08 -18.28
CA LEU B 321 -17.48 5.74 -17.43
C LEU B 321 -18.89 5.23 -17.74
N ASP B 322 -19.05 4.26 -18.64
CA ASP B 322 -20.38 3.77 -19.05
C ASP B 322 -21.32 4.84 -19.53
N CYS B 323 -20.84 5.76 -20.34
CA CYS B 323 -21.80 6.69 -20.88
C CYS B 323 -21.47 6.98 -22.35
N GLU B 324 -22.51 7.32 -23.08
CA GLU B 324 -22.38 7.58 -24.49
C GLU B 324 -22.09 9.08 -24.61
N ILE B 325 -21.42 9.44 -25.67
CA ILE B 325 -21.23 10.85 -25.98
C ILE B 325 -21.61 11.02 -27.45
N PRO B 326 -22.12 12.20 -27.80
CA PRO B 326 -22.56 12.44 -29.18
C PRO B 326 -21.42 12.40 -30.20
N ASN B 327 -21.74 11.98 -31.43
CA ASN B 327 -20.79 11.95 -32.52
C ASN B 327 -20.37 13.39 -32.90
N GLU B 328 -21.25 14.35 -32.72
CA GLU B 328 -20.97 15.75 -33.01
C GLU B 328 -19.90 16.26 -32.03
N LEU B 329 -18.71 16.63 -32.48
CA LEU B 329 -17.70 17.09 -31.53
C LEU B 329 -18.11 18.42 -30.91
N PRO B 330 -17.89 18.56 -29.60
CA PRO B 330 -18.10 19.86 -29.02
C PRO B 330 -16.98 20.82 -29.46
N TYR B 331 -17.27 22.10 -29.45
CA TYR B 331 -16.21 23.08 -29.63
C TYR B 331 -15.09 22.80 -28.62
N ASN B 332 -13.87 23.02 -29.04
CA ASN B 332 -12.71 22.77 -28.17
C ASN B 332 -11.51 23.57 -28.68
N ASP B 333 -10.42 23.57 -27.91
CA ASP B 333 -9.24 24.38 -28.23
C ASP B 333 -8.54 23.97 -29.53
N TYR B 334 -8.81 22.74 -30.02
CA TYR B 334 -8.18 22.16 -31.21
C TYR B 334 -9.22 21.82 -32.27
N PHE B 335 -10.36 22.49 -32.27
CA PHE B 335 -11.49 22.09 -33.13
C PHE B 335 -11.07 21.93 -34.61
N GLU B 336 -10.24 22.84 -35.13
CA GLU B 336 -9.84 22.82 -36.54
C GLU B 336 -9.10 21.52 -36.88
N TYR B 337 -8.49 20.86 -35.92
CA TYR B 337 -7.73 19.65 -36.22
C TYR B 337 -8.66 18.50 -36.61
N PHE B 338 -9.97 18.64 -36.38
CA PHE B 338 -10.90 17.52 -36.53
C PHE B 338 -11.73 17.66 -37.81
N GLY B 339 -11.37 18.58 -38.69
CA GLY B 339 -11.98 18.67 -39.97
C GLY B 339 -11.62 17.47 -40.82
N PRO B 340 -12.31 17.26 -41.93
CA PRO B 340 -13.38 18.11 -42.44
C PRO B 340 -14.78 17.88 -41.83
N ASP B 341 -14.93 16.84 -41.03
CA ASP B 341 -16.23 16.30 -40.63
C ASP B 341 -16.61 16.77 -39.19
N PHE B 342 -15.62 16.93 -38.33
CA PHE B 342 -15.84 17.38 -36.92
C PHE B 342 -16.74 16.40 -36.17
N LYS B 343 -16.53 15.13 -36.48
CA LYS B 343 -17.20 13.98 -35.80
C LYS B 343 -16.19 13.22 -34.94
N LEU B 344 -16.74 12.57 -33.90
CA LEU B 344 -15.95 11.74 -33.03
C LEU B 344 -15.50 10.46 -33.74
N HIS B 345 -16.42 9.81 -34.45
CA HIS B 345 -16.16 8.47 -35.03
C HIS B 345 -15.52 8.60 -36.41
N ILE B 346 -14.74 7.60 -36.80
CA ILE B 346 -14.05 7.59 -38.07
C ILE B 346 -14.53 6.39 -38.87
N SER B 347 -14.34 6.52 -40.16
CA SER B 347 -14.69 5.48 -41.11
C SER B 347 -13.44 4.69 -41.47
N PRO B 348 -13.61 3.41 -41.75
CA PRO B 348 -12.48 2.60 -42.21
C PRO B 348 -12.11 3.04 -43.63
N SER B 349 -10.91 2.72 -44.08
CA SER B 349 -10.52 2.92 -45.47
C SER B 349 -10.86 1.68 -46.30
N ASN B 350 -10.59 1.77 -47.60
CA ASN B 350 -10.82 0.69 -48.52
C ASN B 350 -9.62 -0.26 -48.59
N MET B 351 -8.63 -0.19 -47.71
CA MET B 351 -7.46 -1.05 -47.82
C MET B 351 -7.90 -2.53 -47.68
N THR B 352 -7.17 -3.43 -48.35
CA THR B 352 -7.44 -4.86 -48.27
C THR B 352 -7.08 -5.38 -46.87
N ASN B 353 -7.99 -6.20 -46.33
CA ASN B 353 -7.74 -7.00 -45.16
C ASN B 353 -6.97 -8.25 -45.57
N GLN B 354 -5.69 -8.31 -45.25
CA GLN B 354 -4.87 -9.43 -45.66
C GLN B 354 -4.98 -10.59 -44.66
N ASN B 355 -5.75 -10.41 -43.61
CA ASN B 355 -6.04 -11.46 -42.63
C ASN B 355 -7.33 -12.19 -43.05
N THR B 356 -7.14 -13.29 -43.74
CA THR B 356 -8.26 -14.12 -44.18
C THR B 356 -9.00 -14.70 -42.97
N PRO B 357 -10.27 -15.06 -43.14
CA PRO B 357 -11.01 -15.84 -42.15
C PRO B 357 -10.23 -17.07 -41.67
N GLU B 358 -9.66 -17.81 -42.62
CA GLU B 358 -9.01 -19.08 -42.33
C GLU B 358 -7.73 -18.84 -41.54
N TYR B 359 -7.00 -17.74 -41.87
CA TYR B 359 -5.77 -17.39 -41.15
C TYR B 359 -6.12 -17.06 -39.70
N MET B 360 -7.15 -16.24 -39.51
CA MET B 360 -7.52 -15.79 -38.17
CA MET B 360 -7.52 -15.80 -38.18
C MET B 360 -7.94 -16.98 -37.33
N GLU B 361 -8.74 -17.88 -37.90
CA GLU B 361 -9.24 -19.04 -37.20
C GLU B 361 -8.10 -20.00 -36.84
N LYS B 362 -7.18 -20.18 -37.76
CA LYS B 362 -6.08 -21.10 -37.54
C LYS B 362 -5.18 -20.58 -36.43
N ILE B 363 -4.86 -19.30 -36.41
CA ILE B 363 -4.00 -18.74 -35.33
C ILE B 363 -4.74 -18.87 -33.99
N LYS B 364 -6.01 -18.51 -33.97
CA LYS B 364 -6.84 -18.61 -32.78
C LYS B 364 -6.83 -20.05 -32.24
N GLN B 365 -6.88 -21.03 -33.12
CA GLN B 365 -6.91 -22.42 -32.68
C GLN B 365 -5.55 -22.82 -32.07
N ARG B 366 -4.45 -22.32 -32.64
CA ARG B 366 -3.13 -22.59 -32.06
C ARG B 366 -3.06 -21.93 -30.69
N LEU B 367 -3.56 -20.69 -30.55
CA LEU B 367 -3.51 -20.05 -29.24
C LEU B 367 -4.43 -20.77 -28.23
N PHE B 368 -5.58 -21.29 -28.65
CA PHE B 368 -6.44 -22.03 -27.70
C PHE B 368 -5.72 -23.28 -27.17
N GLU B 369 -4.97 -23.97 -28.02
CA GLU B 369 -4.25 -25.19 -27.62
C GLU B 369 -3.22 -24.82 -26.55
N ASN B 370 -2.54 -23.69 -26.73
CA ASN B 370 -1.55 -23.23 -25.77
C ASN B 370 -2.24 -22.93 -24.43
N LEU B 371 -3.41 -22.34 -24.47
CA LEU B 371 -4.06 -21.93 -23.24
C LEU B 371 -4.58 -23.15 -22.49
N ARG B 372 -4.95 -24.21 -23.20
CA ARG B 372 -5.40 -25.41 -22.52
C ARG B 372 -4.21 -26.10 -21.81
N MET B 373 -2.98 -25.62 -21.99
CA MET B 373 -1.86 -26.22 -21.25
C MET B 373 -1.77 -25.63 -19.83
N LEU B 374 -2.51 -24.57 -19.53
CA LEU B 374 -2.53 -23.99 -18.17
C LEU B 374 -3.19 -24.98 -17.20
N PRO B 375 -2.75 -24.95 -15.93
CA PRO B 375 -3.05 -26.02 -14.95
C PRO B 375 -4.53 -26.02 -14.53
N LYS C 10 8.58 -48.22 4.45
CA LYS C 10 8.84 -47.58 5.78
C LYS C 10 7.87 -48.18 6.82
N LYS C 11 8.37 -48.48 8.01
CA LYS C 11 7.55 -49.07 9.08
C LYS C 11 6.85 -47.97 9.88
N VAL C 12 5.59 -48.22 10.21
CA VAL C 12 4.73 -47.28 10.95
C VAL C 12 4.16 -47.97 12.19
N CYS C 13 4.42 -47.36 13.35
CA CYS C 13 3.78 -47.73 14.62
C CYS C 13 2.79 -46.62 15.01
N TYR C 14 1.63 -47.02 15.54
CA TYR C 14 0.49 -46.13 15.80
C TYR C 14 -0.02 -46.37 17.23
N TYR C 15 -0.17 -45.26 17.97
CA TYR C 15 -0.52 -45.31 19.41
C TYR C 15 -1.98 -44.86 19.57
N TYR C 16 -2.76 -45.69 20.26
CA TYR C 16 -4.16 -45.37 20.56
C TYR C 16 -4.57 -46.08 21.86
N ASP C 17 -5.22 -45.34 22.77
CA ASP C 17 -5.97 -45.96 23.87
C ASP C 17 -7.48 -45.70 23.69
N GLY C 18 -8.28 -46.75 23.87
CA GLY C 18 -9.72 -46.69 23.60
C GLY C 18 -10.49 -45.85 24.61
N ASP C 19 -9.86 -45.50 25.74
CA ASP C 19 -10.47 -44.60 26.73
C ASP C 19 -10.39 -43.12 26.34
N ILE C 20 -9.50 -42.76 25.41
CA ILE C 20 -9.17 -41.33 25.16
C ILE C 20 -10.45 -40.56 24.78
N GLY C 21 -11.35 -41.18 24.02
CA GLY C 21 -12.56 -40.49 23.51
C GLY C 21 -13.64 -40.29 24.57
N ASN C 22 -13.45 -40.81 25.78
CA ASN C 22 -14.47 -40.72 26.82
C ASN C 22 -14.24 -39.51 27.74
N TYR C 23 -13.08 -38.86 27.67
CA TYR C 23 -12.78 -37.68 28.53
C TYR C 23 -13.51 -36.46 27.96
N TYR C 24 -14.18 -35.71 28.84
CA TYR C 24 -15.10 -34.66 28.42
C TYR C 24 -14.69 -33.31 29.02
N TYR C 25 -14.40 -32.32 28.16
CA TYR C 25 -13.96 -30.98 28.62
C TYR C 25 -15.12 -30.18 29.25
N GLY C 26 -16.36 -30.59 29.03
CA GLY C 26 -17.51 -29.86 29.54
C GLY C 26 -18.30 -29.22 28.41
N GLN C 27 -19.57 -28.95 28.70
CA GLN C 27 -20.57 -28.46 27.73
C GLN C 27 -20.12 -27.11 27.15
N GLY C 28 -20.06 -27.05 25.82
CA GLY C 28 -19.72 -25.81 25.12
C GLY C 28 -18.22 -25.67 24.86
N HIS C 29 -17.40 -26.55 25.42
CA HIS C 29 -15.96 -26.44 25.18
C HIS C 29 -15.63 -27.06 23.80
N PRO C 30 -14.94 -26.30 22.92
CA PRO C 30 -14.69 -26.77 21.53
C PRO C 30 -13.75 -28.00 21.38
N MET C 31 -12.96 -28.32 22.40
CA MET C 31 -12.03 -29.47 22.33
C MET C 31 -12.81 -30.76 22.64
N LYS C 32 -12.75 -31.70 21.70
CA LYS C 32 -13.60 -32.92 21.73
C LYS C 32 -12.71 -34.16 21.58
N PRO C 33 -12.24 -34.76 22.69
CA PRO C 33 -11.39 -35.97 22.59
C PRO C 33 -12.00 -37.09 21.73
N HIS C 34 -13.33 -37.19 21.72
CA HIS C 34 -14.06 -38.10 20.84
C HIS C 34 -13.56 -37.99 19.38
N ARG C 35 -12.96 -36.88 18.98
CA ARG C 35 -12.45 -36.76 17.60
C ARG C 35 -11.35 -37.82 17.34
N ILE C 36 -10.62 -38.24 18.39
CA ILE C 36 -9.54 -39.25 18.21
C ILE C 36 -10.19 -40.62 17.94
N ARG C 37 -11.30 -40.89 18.64
CA ARG C 37 -12.05 -42.15 18.42
C ARG C 37 -12.61 -42.20 16.99
N MET C 38 -13.12 -41.08 16.47
CA MET C 38 -13.65 -40.98 15.09
C MET C 38 -12.51 -41.24 14.09
N THR C 39 -11.36 -40.59 14.31
CA THR C 39 -10.17 -40.77 13.46
C THR C 39 -9.85 -42.27 13.39
N HIS C 40 -9.70 -42.87 14.57
CA HIS C 40 -9.34 -44.27 14.71
C HIS C 40 -10.34 -45.14 13.91
N ASN C 41 -11.63 -44.96 14.17
CA ASN C 41 -12.66 -45.80 13.56
C ASN C 41 -12.61 -45.66 12.03
N LEU C 42 -12.39 -44.44 11.54
CA LEU C 42 -12.35 -44.21 10.10
C LEU C 42 -11.13 -44.91 9.49
N LEU C 43 -9.93 -44.74 10.06
CA LEU C 43 -8.75 -45.34 9.45
C LEU C 43 -8.79 -46.88 9.62
N LEU C 44 -9.43 -47.42 10.67
CA LEU C 44 -9.66 -48.89 10.77
C LEU C 44 -10.55 -49.38 9.64
N ASN C 45 -11.60 -48.62 9.30
CA ASN C 45 -12.55 -49.04 8.27
C ASN C 45 -11.92 -48.90 6.88
N TYR C 46 -10.89 -48.05 6.73
CA TYR C 46 -10.13 -47.95 5.47
C TYR C 46 -9.13 -49.10 5.31
N GLY C 47 -8.94 -49.93 6.34
CA GLY C 47 -8.07 -51.12 6.26
C GLY C 47 -6.61 -50.80 6.56
N LEU C 48 -6.32 -49.61 7.06
CA LEU C 48 -4.92 -49.17 7.24
C LEU C 48 -4.26 -49.88 8.43
N TYR C 49 -5.05 -50.55 9.27
CA TYR C 49 -4.54 -51.37 10.38
C TYR C 49 -3.80 -52.62 9.84
N ARG C 50 -4.12 -53.04 8.63
CA ARG C 50 -3.38 -54.13 7.97
C ARG C 50 -1.93 -53.72 7.67
N LYS C 51 -1.60 -52.43 7.76
CA LYS C 51 -0.37 -51.93 7.17
C LYS C 51 0.60 -51.44 8.25
N MET C 52 0.21 -51.51 9.52
CA MET C 52 1.02 -50.88 10.57
C MET C 52 0.73 -51.54 11.93
N GLU C 53 1.69 -51.36 12.83
CA GLU C 53 1.61 -51.97 14.14
C GLU C 53 0.88 -50.99 15.07
N ILE C 54 -0.20 -51.46 15.69
CA ILE C 54 -0.99 -50.62 16.59
C ILE C 54 -0.67 -51.03 18.05
N TYR C 55 -0.39 -50.02 18.87
CA TYR C 55 0.00 -50.21 20.28
C TYR C 55 -0.93 -49.38 21.18
N ARG C 56 -1.32 -49.98 22.29
CA ARG C 56 -1.96 -49.28 23.40
C ARG C 56 -0.85 -48.70 24.29
N PRO C 57 -0.74 -47.35 24.40
CA PRO C 57 0.42 -46.80 25.10
C PRO C 57 0.36 -46.92 26.64
N HIS C 58 1.51 -47.09 27.25
CA HIS C 58 1.64 -46.98 28.70
C HIS C 58 1.11 -45.62 29.15
N LYS C 59 0.51 -45.54 30.33
CA LYS C 59 0.26 -44.24 30.97
C LYS C 59 1.60 -43.62 31.37
N ALA C 60 1.90 -42.40 30.94
CA ALA C 60 3.09 -41.71 31.46
C ALA C 60 2.92 -41.47 32.98
N THR C 61 4.00 -41.64 33.74
CA THR C 61 3.90 -41.48 35.18
C THR C 61 4.01 -39.98 35.53
N ALA C 62 3.51 -39.64 36.71
CA ALA C 62 3.76 -38.32 37.30
C ALA C 62 5.27 -38.02 37.29
N GLU C 63 6.11 -39.01 37.67
CA GLU C 63 7.58 -38.83 37.73
C GLU C 63 8.10 -38.42 36.34
N GLU C 64 7.72 -39.15 35.29
CA GLU C 64 8.11 -38.83 33.88
C GLU C 64 7.75 -37.36 33.54
N MET C 65 6.55 -36.94 33.91
CA MET C 65 6.08 -35.57 33.57
C MET C 65 6.98 -34.52 34.24
N THR C 66 7.47 -34.80 35.46
CA THR C 66 8.31 -33.81 36.20
C THR C 66 9.74 -33.73 35.61
N LYS C 67 10.07 -34.53 34.60
CA LYS C 67 11.30 -34.30 33.83
C LYS C 67 11.28 -32.92 33.18
N TYR C 68 10.09 -32.34 32.98
CA TYR C 68 9.96 -30.99 32.44
C TYR C 68 9.10 -30.10 33.36
N HIS C 69 7.90 -30.57 33.67
CA HIS C 69 6.94 -29.81 34.48
C HIS C 69 7.38 -29.77 35.94
N SER C 70 7.02 -28.69 36.64
CA SER C 70 7.32 -28.58 38.05
C SER C 70 6.46 -29.57 38.86
N ASP C 71 7.01 -30.04 39.98
CA ASP C 71 6.32 -30.96 40.91
C ASP C 71 5.00 -30.42 41.45
N GLU C 72 5.01 -29.14 41.83
CA GLU C 72 3.83 -28.44 42.35
C GLU C 72 2.70 -28.44 41.30
N TYR C 73 3.05 -28.19 40.04
CA TYR C 73 2.07 -28.18 38.96
C TYR C 73 1.51 -29.61 38.73
N ILE C 74 2.41 -30.59 38.61
CA ILE C 74 1.98 -31.98 38.40
C ILE C 74 1.20 -32.47 39.62
N LYS C 75 1.65 -32.15 40.82
CA LYS C 75 0.93 -32.47 42.05
C LYS C 75 -0.50 -31.91 41.98
N PHE C 76 -0.60 -30.65 41.53
CA PHE C 76 -1.90 -29.97 41.38
C PHE C 76 -2.79 -30.75 40.39
N LEU C 77 -2.26 -31.10 39.21
CA LEU C 77 -3.04 -31.78 38.15
C LEU C 77 -3.60 -33.12 38.69
N ARG C 78 -2.79 -33.77 39.52
CA ARG C 78 -3.09 -35.08 40.08
C ARG C 78 -4.20 -34.97 41.15
N SER C 79 -4.26 -33.84 41.85
CA SER C 79 -5.11 -33.70 43.06
C SER C 79 -6.44 -32.96 42.80
N ILE C 80 -6.50 -32.17 41.72
CA ILE C 80 -7.65 -31.29 41.48
C ILE C 80 -8.83 -32.12 40.97
N ARG C 81 -10.00 -31.94 41.59
CA ARG C 81 -11.25 -32.61 41.17
C ARG C 81 -12.34 -31.55 40.99
N PRO C 82 -13.34 -31.82 40.11
CA PRO C 82 -14.55 -30.96 40.04
C PRO C 82 -15.13 -30.56 41.41
N ASP C 83 -15.11 -31.47 42.38
CA ASP C 83 -15.72 -31.20 43.68
C ASP C 83 -14.81 -30.60 44.78
N ASN C 84 -13.55 -30.26 44.49
CA ASN C 84 -12.65 -29.64 45.53
C ASN C 84 -12.07 -28.30 45.03
N MET C 85 -12.61 -27.73 43.94
CA MET C 85 -12.02 -26.54 43.26
C MET C 85 -11.92 -25.32 44.19
N SER C 86 -12.87 -25.15 45.11
CA SER C 86 -12.87 -23.99 46.01
C SER C 86 -11.60 -23.96 46.87
N GLU C 87 -11.11 -25.14 47.29
CA GLU C 87 -9.87 -25.26 48.09
C GLU C 87 -8.66 -24.73 47.28
N TYR C 88 -8.59 -25.08 46.00
CA TYR C 88 -7.37 -24.87 45.21
C TYR C 88 -7.46 -23.59 44.36
N SER C 89 -8.26 -22.60 44.75
CA SER C 89 -8.55 -21.49 43.82
C SER C 89 -7.27 -20.67 43.55
N LYS C 90 -6.39 -20.52 44.55
CA LYS C 90 -5.11 -19.80 44.38
C LYS C 90 -4.18 -20.59 43.45
N GLN C 91 -4.09 -21.90 43.64
CA GLN C 91 -3.28 -22.76 42.73
C GLN C 91 -3.90 -22.72 41.32
N MET C 92 -5.23 -22.63 41.21
CA MET C 92 -5.87 -22.55 39.88
C MET C 92 -5.45 -21.26 39.16
N GLN C 93 -5.32 -20.15 39.88
CA GLN C 93 -4.80 -18.89 39.30
C GLN C 93 -3.31 -19.07 38.95
N ARG C 94 -2.55 -19.67 39.86
CA ARG C 94 -1.10 -19.89 39.66
C ARG C 94 -0.82 -20.69 38.38
N PHE C 95 -1.60 -21.76 38.17
CA PHE C 95 -1.32 -22.73 37.12
C PHE C 95 -2.25 -22.50 35.92
N ASN C 96 -3.10 -21.47 35.98
CA ASN C 96 -4.02 -21.07 34.86
C ASN C 96 -4.97 -22.22 34.50
N VAL C 97 -5.63 -22.81 35.50
CA VAL C 97 -6.62 -23.87 35.28
C VAL C 97 -7.96 -23.36 35.82
N GLY C 98 -9.04 -23.57 35.07
CA GLY C 98 -10.39 -23.15 35.52
C GLY C 98 -11.28 -22.59 34.42
N GLU C 99 -10.73 -22.09 33.30
CA GLU C 99 -11.61 -21.53 32.23
C GLU C 99 -11.23 -22.12 30.86
N ASP C 100 -10.25 -21.55 30.13
CA ASP C 100 -9.80 -22.17 28.89
C ASP C 100 -9.46 -23.64 29.09
N CYS C 101 -8.80 -23.92 30.22
CA CYS C 101 -8.36 -25.26 30.61
C CYS C 101 -9.11 -25.69 31.88
N PRO C 102 -10.34 -26.25 31.72
CA PRO C 102 -11.21 -26.56 32.85
C PRO C 102 -10.71 -27.76 33.66
N VAL C 103 -11.21 -27.87 34.87
CA VAL C 103 -11.11 -29.12 35.63
C VAL C 103 -12.24 -30.03 35.14
N PHE C 104 -11.90 -31.27 34.79
CA PHE C 104 -12.92 -32.32 34.47
C PHE C 104 -12.48 -33.68 35.05
N ASP C 105 -13.44 -34.59 35.19
CA ASP C 105 -13.16 -35.94 35.74
C ASP C 105 -12.09 -36.64 34.90
N GLY C 106 -11.12 -37.25 35.57
CA GLY C 106 -10.09 -38.04 34.89
C GLY C 106 -9.09 -37.19 34.12
N LEU C 107 -8.96 -35.92 34.52
CA LEU C 107 -8.05 -34.98 33.84
C LEU C 107 -6.62 -35.55 33.90
N PHE C 108 -6.23 -36.07 35.06
CA PHE C 108 -4.84 -36.51 35.17
C PHE C 108 -4.60 -37.75 34.29
N GLU C 109 -5.52 -38.72 34.28
CA GLU C 109 -5.36 -39.92 33.43
C GLU C 109 -5.34 -39.50 31.95
N PHE C 110 -6.13 -38.50 31.63
CA PHE C 110 -6.18 -37.96 30.26
C PHE C 110 -4.76 -37.50 29.84
N CYS C 111 -4.11 -36.74 30.71
CA CYS C 111 -2.72 -36.28 30.47
C CYS C 111 -1.75 -37.47 30.32
N GLN C 112 -1.96 -38.51 31.14
CA GLN C 112 -1.08 -39.70 31.15
C GLN C 112 -1.15 -40.42 29.80
N LEU C 113 -2.33 -40.49 29.21
CA LEU C 113 -2.55 -41.28 27.99
C LEU C 113 -1.97 -40.53 26.78
N SER C 114 -2.28 -39.23 26.70
CA SER C 114 -1.76 -38.33 25.67
C SER C 114 -0.22 -38.38 25.65
N THR C 115 0.39 -38.15 26.81
CA THR C 115 1.84 -38.12 26.92
C THR C 115 2.47 -39.49 26.64
N GLY C 116 1.83 -40.55 27.17
CA GLY C 116 2.36 -41.91 27.06
C GLY C 116 2.55 -42.32 25.61
N GLY C 117 1.55 -42.01 24.77
CA GLY C 117 1.64 -42.22 23.32
C GLY C 117 2.87 -41.54 22.70
N SER C 118 3.13 -40.30 23.08
CA SER C 118 4.21 -39.52 22.45
C SER C 118 5.59 -40.04 22.89
N VAL C 119 5.72 -40.31 24.18
CA VAL C 119 7.00 -40.79 24.73
C VAL C 119 7.27 -42.21 24.21
N ALA C 120 6.24 -43.08 24.18
CA ALA C 120 6.45 -44.47 23.69
C ALA C 120 6.90 -44.43 22.23
N GLY C 121 6.25 -43.57 21.43
CA GLY C 121 6.64 -43.30 20.04
C GLY C 121 8.12 -42.95 19.92
N ALA C 122 8.56 -42.01 20.77
CA ALA C 122 9.98 -41.60 20.81
C ALA C 122 10.88 -42.79 21.18
N VAL C 123 10.50 -43.59 22.18
CA VAL C 123 11.31 -44.76 22.61
C VAL C 123 11.46 -45.72 21.42
N LYS C 124 10.37 -45.91 20.68
CA LYS C 124 10.35 -46.85 19.54
C LYS C 124 11.30 -46.37 18.43
N LEU C 125 11.35 -45.05 18.18
CA LEU C 125 12.30 -44.47 17.20
C LEU C 125 13.74 -44.55 17.75
N ASN C 126 13.92 -44.27 19.03
CA ASN C 126 15.27 -44.38 19.63
C ASN C 126 15.83 -45.79 19.41
N ARG C 127 15.00 -46.82 19.63
CA ARG C 127 15.44 -48.24 19.52
C ARG C 127 15.54 -48.70 18.06
N GLN C 128 15.25 -47.82 17.08
CA GLN C 128 15.30 -48.16 15.64
C GLN C 128 14.38 -49.37 15.34
N GLN C 129 13.21 -49.38 16.02
CA GLN C 129 12.22 -50.47 15.86
C GLN C 129 11.05 -49.99 14.97
N THR C 130 11.08 -48.73 14.52
CA THR C 130 10.10 -48.19 13.56
C THR C 130 10.72 -46.96 12.87
N ASP C 131 10.20 -46.60 11.68
CA ASP C 131 10.64 -45.42 10.94
C ASP C 131 9.76 -44.23 11.25
N MET C 132 8.48 -44.48 11.45
CA MET C 132 7.52 -43.48 11.90
C MET C 132 6.75 -44.01 13.12
N ALA C 133 6.44 -43.09 14.02
CA ALA C 133 5.52 -43.32 15.12
C ALA C 133 4.42 -42.25 15.07
N VAL C 134 3.19 -42.68 15.30
CA VAL C 134 2.03 -41.78 15.22
C VAL C 134 1.27 -41.82 16.55
N ASN C 135 0.90 -40.64 17.03
CA ASN C 135 0.06 -40.48 18.22
C ASN C 135 -0.88 -39.28 18.01
N TRP C 136 -2.08 -39.54 17.48
CA TRP C 136 -3.00 -38.43 17.17
C TRP C 136 -3.56 -37.77 18.44
N ALA C 137 -3.45 -38.44 19.61
CA ALA C 137 -3.90 -37.85 20.88
C ALA C 137 -2.82 -36.92 21.47
N GLY C 138 -1.67 -36.82 20.79
CA GLY C 138 -0.56 -35.92 21.22
C GLY C 138 -0.63 -34.54 20.58
N GLY C 139 0.44 -33.77 20.76
CA GLY C 139 0.64 -32.46 20.10
C GLY C 139 0.21 -31.26 20.93
N LEU C 140 0.31 -31.40 22.26
CA LEU C 140 -0.22 -30.40 23.19
C LEU C 140 0.80 -29.28 23.39
N HIS C 141 0.98 -28.50 22.33
CA HIS C 141 2.15 -27.62 22.16
C HIS C 141 2.14 -26.41 23.11
N HIS C 142 1.04 -26.11 23.82
CA HIS C 142 0.98 -24.84 24.61
C HIS C 142 1.39 -25.02 26.07
N ALA C 143 1.38 -26.26 26.59
CA ALA C 143 1.62 -26.45 28.03
C ALA C 143 3.06 -26.00 28.36
N LYS C 144 3.16 -25.34 29.52
CA LYS C 144 4.41 -24.79 30.04
C LYS C 144 4.80 -25.54 31.32
N LYS C 145 5.99 -25.23 31.83
CA LYS C 145 6.55 -25.95 32.99
C LYS C 145 5.53 -25.97 34.14
N SER C 146 4.91 -24.83 34.41
CA SER C 146 4.03 -24.64 35.58
C SER C 146 2.73 -23.93 35.18
N GLU C 147 2.24 -24.17 33.97
CA GLU C 147 1.01 -23.47 33.57
C GLU C 147 0.31 -24.28 32.49
N ALA C 148 -0.98 -24.51 32.70
CA ALA C 148 -1.88 -24.97 31.64
C ALA C 148 -2.15 -23.80 30.68
N SER C 149 -2.40 -24.13 29.43
CA SER C 149 -2.60 -23.11 28.42
C SER C 149 -3.27 -23.69 27.17
N GLY C 150 -4.24 -22.99 26.60
CA GLY C 150 -4.78 -23.36 25.27
C GLY C 150 -5.27 -24.80 25.20
N PHE C 151 -6.01 -25.22 26.23
CA PHE C 151 -6.63 -26.59 26.30
C PHE C 151 -5.56 -27.66 26.61
N CYS C 152 -4.30 -27.26 26.85
CA CYS C 152 -3.18 -28.18 27.09
C CYS C 152 -2.78 -28.12 28.58
N TYR C 153 -2.48 -29.29 29.15
CA TYR C 153 -2.08 -29.38 30.56
C TYR C 153 -0.63 -29.89 30.66
N VAL C 154 -0.32 -30.95 29.92
CA VAL C 154 1.01 -31.56 29.98
C VAL C 154 1.59 -31.56 28.56
N ASN C 155 2.83 -31.08 28.44
CA ASN C 155 3.45 -30.92 27.13
C ASN C 155 4.09 -32.24 26.70
N ASP C 156 3.29 -33.11 26.07
CA ASP C 156 3.80 -34.39 25.56
C ASP C 156 4.96 -34.21 24.57
N ILE C 157 4.91 -33.15 23.76
CA ILE C 157 5.90 -32.93 22.69
C ILE C 157 7.28 -32.78 23.35
N VAL C 158 7.32 -31.95 24.39
CA VAL C 158 8.61 -31.63 25.02
C VAL C 158 9.18 -32.91 25.64
N LEU C 159 8.33 -33.66 26.33
CA LEU C 159 8.77 -34.90 26.99
C LEU C 159 9.26 -35.92 25.95
N ALA C 160 8.55 -36.04 24.82
CA ALA C 160 8.99 -36.92 23.72
C ALA C 160 10.34 -36.46 23.15
N ILE C 161 10.54 -35.15 22.99
CA ILE C 161 11.79 -34.60 22.42
C ILE C 161 12.94 -34.83 23.43
N LEU C 162 12.68 -34.67 24.74
CA LEU C 162 13.71 -35.01 25.74
C LEU C 162 14.12 -36.49 25.60
N GLU C 163 13.14 -37.37 25.35
CA GLU C 163 13.45 -38.79 25.15
C GLU C 163 14.28 -38.97 23.87
N LEU C 164 13.86 -38.34 22.76
CA LEU C 164 14.64 -38.39 21.50
C LEU C 164 16.08 -37.91 21.70
N LEU C 165 16.31 -36.90 22.55
CA LEU C 165 17.63 -36.29 22.66
C LEU C 165 18.61 -37.24 23.36
N LYS C 166 18.12 -38.34 23.96
CA LYS C 166 19.03 -39.34 24.53
C LYS C 166 19.84 -40.02 23.42
N TYR C 167 19.26 -40.12 22.22
CA TYR C 167 19.84 -40.87 21.10
C TYR C 167 20.11 -39.97 19.88
N HIS C 168 19.55 -38.76 19.84
CA HIS C 168 19.66 -37.88 18.68
C HIS C 168 20.33 -36.57 19.09
N GLN C 169 21.42 -36.22 18.42
CA GLN C 169 22.13 -34.97 18.69
C GLN C 169 21.19 -33.77 18.43
N ARG C 170 20.53 -33.77 17.27
CA ARG C 170 19.71 -32.63 16.81
C ARG C 170 18.31 -33.13 16.42
N VAL C 171 17.30 -32.47 17.00
CA VAL C 171 15.89 -32.78 16.74
C VAL C 171 15.21 -31.54 16.15
N LEU C 172 14.52 -31.74 15.02
CA LEU C 172 13.74 -30.70 14.38
C LEU C 172 12.26 -30.89 14.76
N TYR C 173 11.66 -29.83 15.30
CA TYR C 173 10.22 -29.76 15.56
C TYR C 173 9.55 -28.82 14.54
N ILE C 174 8.50 -29.32 13.88
CA ILE C 174 7.76 -28.56 12.88
C ILE C 174 6.28 -28.54 13.29
N ASP C 175 5.67 -27.36 13.25
CA ASP C 175 4.33 -27.14 13.80
C ASP C 175 3.43 -26.51 12.72
N ILE C 176 2.48 -27.28 12.16
CA ILE C 176 1.57 -26.77 11.09
C ILE C 176 0.15 -26.52 11.64
N ASP C 177 -0.03 -26.72 12.94
CA ASP C 177 -1.21 -26.21 13.65
C ASP C 177 -1.39 -24.72 13.30
N ILE C 178 -2.63 -24.20 13.31
CA ILE C 178 -2.83 -22.76 13.04
C ILE C 178 -2.25 -21.89 14.17
N HIS C 179 -2.06 -22.45 15.38
CA HIS C 179 -1.56 -21.69 16.53
C HIS C 179 -0.06 -21.90 16.68
N HIS C 180 0.61 -20.84 17.16
CA HIS C 180 2.02 -20.92 17.54
C HIS C 180 2.23 -21.96 18.65
N GLY C 181 3.21 -22.83 18.43
CA GLY C 181 3.65 -23.80 19.47
C GLY C 181 4.62 -23.14 20.44
N ASP C 182 4.09 -22.21 21.24
CA ASP C 182 4.91 -21.42 22.18
C ASP C 182 5.52 -22.26 23.31
N GLY C 183 4.82 -23.34 23.72
CA GLY C 183 5.31 -24.14 24.84
C GLY C 183 6.56 -24.91 24.44
N VAL C 184 6.54 -25.43 23.23
CA VAL C 184 7.69 -26.20 22.70
C VAL C 184 8.86 -25.23 22.45
N GLU C 185 8.54 -24.12 21.79
CA GLU C 185 9.51 -23.06 21.50
C GLU C 185 10.20 -22.62 22.79
N GLU C 186 9.39 -22.42 23.82
CA GLU C 186 9.91 -21.90 25.07
C GLU C 186 10.84 -22.96 25.68
N ALA C 187 10.40 -24.22 25.73
CA ALA C 187 11.23 -25.27 26.34
C ALA C 187 12.64 -25.29 25.71
N PHE C 188 12.76 -25.11 24.39
CA PHE C 188 14.03 -25.33 23.70
C PHE C 188 14.61 -24.01 23.14
N TYR C 189 14.19 -22.87 23.68
CA TYR C 189 14.57 -21.55 23.12
C TYR C 189 16.10 -21.30 23.19
N THR C 190 16.79 -21.89 24.19
CA THR C 190 18.22 -21.53 24.38
C THR C 190 19.16 -22.68 24.03
N THR C 191 18.67 -23.69 23.30
CA THR C 191 19.49 -24.84 22.85
C THR C 191 19.49 -24.92 21.32
N ASP C 192 20.65 -25.26 20.79
CA ASP C 192 20.79 -25.60 19.37
C ASP C 192 20.51 -27.10 19.08
N ARG C 193 20.19 -27.89 20.11
CA ARG C 193 19.94 -29.35 19.93
C ARG C 193 18.48 -29.61 19.54
N VAL C 194 17.64 -28.58 19.63
CA VAL C 194 16.28 -28.66 19.11
C VAL C 194 16.00 -27.39 18.32
N MET C 195 15.61 -27.56 17.07
CA MET C 195 15.16 -26.43 16.29
C MET C 195 13.63 -26.50 16.21
N THR C 196 13.00 -25.34 16.43
CA THR C 196 11.55 -25.24 16.41
C THR C 196 11.15 -24.38 15.20
N VAL C 197 10.22 -24.90 14.40
CA VAL C 197 9.74 -24.22 13.18
C VAL C 197 8.20 -24.22 13.22
N SER C 198 7.60 -23.04 13.41
CA SER C 198 6.12 -22.88 13.51
C SER C 198 5.58 -21.93 12.43
N PHE C 199 4.56 -22.42 11.75
CA PHE C 199 3.71 -21.64 10.88
C PHE C 199 2.39 -21.42 11.62
N HIS C 200 1.89 -20.19 11.66
CA HIS C 200 0.71 -19.92 12.48
C HIS C 200 0.13 -18.56 12.13
N LYS C 201 -1.17 -18.46 12.36
CA LYS C 201 -1.86 -17.17 12.32
C LYS C 201 -1.26 -16.31 13.43
N TYR C 202 -1.01 -15.05 13.09
CA TYR C 202 -0.40 -14.11 14.03
C TYR C 202 -1.15 -12.77 13.94
N GLY C 203 -1.43 -12.16 15.09
CA GLY C 203 -2.16 -10.88 15.17
C GLY C 203 -3.55 -11.06 15.76
N GLU C 204 -3.74 -10.58 16.99
CA GLU C 204 -5.05 -10.61 17.68
C GLU C 204 -5.60 -12.05 17.70
N TYR C 205 -4.73 -12.99 18.03
CA TYR C 205 -5.02 -14.41 17.93
C TYR C 205 -4.15 -15.14 18.96
N PHE C 206 -4.70 -16.22 19.50
CA PHE C 206 -4.06 -17.00 20.55
C PHE C 206 -2.86 -17.76 19.98
N PRO C 207 -1.75 -17.85 20.75
CA PRO C 207 -1.58 -17.22 22.07
C PRO C 207 -0.90 -15.84 22.08
N GLY C 208 -0.62 -15.25 20.92
CA GLY C 208 -0.09 -13.86 20.88
C GLY C 208 1.42 -13.80 20.74
N THR C 209 2.06 -14.97 20.63
CA THR C 209 3.52 -15.12 20.50
C THR C 209 3.86 -15.60 19.08
N GLY C 210 5.14 -15.88 18.82
CA GLY C 210 5.54 -16.41 17.50
C GLY C 210 5.71 -15.29 16.49
N ASP C 211 6.28 -14.19 16.95
CA ASP C 211 6.68 -13.08 16.08
C ASP C 211 7.88 -13.52 15.21
N LEU C 212 7.97 -12.95 14.01
CA LEU C 212 9.11 -13.14 13.09
C LEU C 212 10.45 -12.94 13.79
N ARG C 213 10.53 -11.97 14.74
CA ARG C 213 11.79 -11.57 15.43
C ARG C 213 12.15 -12.54 16.57
N ASP C 214 11.29 -13.50 16.91
CA ASP C 214 11.62 -14.47 17.97
C ASP C 214 12.40 -15.65 17.35
N ILE C 215 13.75 -15.57 17.45
CA ILE C 215 14.67 -16.43 16.70
C ILE C 215 15.46 -17.34 17.67
N GLY C 216 15.15 -17.25 18.97
CA GLY C 216 15.88 -18.02 20.02
C GLY C 216 16.90 -17.15 20.74
N ALA C 217 17.61 -17.73 21.71
CA ALA C 217 18.63 -16.98 22.45
C ALA C 217 19.77 -17.91 22.91
N GLY C 218 20.89 -17.32 23.29
CA GLY C 218 22.10 -18.05 23.60
C GLY C 218 22.53 -18.95 22.43
N LYS C 219 22.86 -20.19 22.77
CA LYS C 219 23.26 -21.18 21.76
C LYS C 219 22.08 -21.47 20.81
N GLY C 220 20.85 -21.21 21.26
CA GLY C 220 19.65 -21.47 20.47
C GLY C 220 19.29 -20.30 19.56
N LYS C 221 20.11 -19.27 19.55
CA LYS C 221 19.89 -18.13 18.66
C LYS C 221 19.95 -18.61 17.20
N TYR C 222 18.86 -18.32 16.47
CA TYR C 222 18.61 -18.69 15.07
C TYR C 222 18.08 -20.12 14.98
N TYR C 223 17.86 -20.80 16.11
CA TYR C 223 17.30 -22.20 16.08
C TYR C 223 15.80 -22.21 16.42
N ALA C 224 15.19 -21.02 16.50
CA ALA C 224 13.73 -20.88 16.56
C ALA C 224 13.28 -20.13 15.29
N VAL C 225 12.27 -20.65 14.60
CA VAL C 225 11.82 -20.09 13.31
C VAL C 225 10.29 -19.90 13.34
N ASN C 226 9.86 -18.67 13.05
CA ASN C 226 8.45 -18.31 13.14
C ASN C 226 8.00 -17.68 11.81
N PHE C 227 6.99 -18.30 11.20
CA PHE C 227 6.32 -17.73 10.02
C PHE C 227 4.90 -17.28 10.39
N PRO C 228 4.74 -16.00 10.80
CA PRO C 228 3.43 -15.39 11.13
C PRO C 228 2.59 -15.15 9.87
N MET C 229 1.35 -15.63 9.86
CA MET C 229 0.46 -15.50 8.68
C MET C 229 -0.81 -14.75 9.11
N ARG C 230 -1.53 -14.23 8.12
CA ARG C 230 -2.86 -13.64 8.32
C ARG C 230 -3.92 -14.66 7.84
N ASP C 231 -5.18 -14.28 7.97
CA ASP C 231 -6.32 -15.14 7.58
C ASP C 231 -6.28 -15.60 6.14
N GLY C 232 -6.72 -16.84 5.94
CA GLY C 232 -7.24 -17.28 4.65
C GLY C 232 -6.17 -17.84 3.73
N ILE C 233 -5.01 -18.20 4.26
CA ILE C 233 -3.99 -18.82 3.44
C ILE C 233 -4.55 -20.12 2.85
N ASP C 234 -4.22 -20.37 1.58
CA ASP C 234 -4.75 -21.53 0.86
C ASP C 234 -3.59 -22.50 0.53
N ASP C 235 -3.94 -23.66 -0.04
CA ASP C 235 -2.98 -24.75 -0.33
C ASP C 235 -1.75 -24.30 -1.13
N GLU C 236 -1.98 -23.52 -2.20
CA GLU C 236 -0.87 -23.11 -3.05
C GLU C 236 0.06 -22.13 -2.29
N SER C 237 -0.48 -21.15 -1.58
CA SER C 237 0.33 -20.16 -0.82
C SER C 237 1.14 -20.86 0.28
N TYR C 238 0.48 -21.76 1.00
CA TYR C 238 1.11 -22.47 2.12
C TYR C 238 2.23 -23.37 1.58
N GLY C 239 1.94 -24.13 0.53
CA GLY C 239 2.91 -25.05 -0.07
C GLY C 239 4.16 -24.34 -0.58
N GLN C 240 3.96 -23.21 -1.26
CA GLN C 240 5.08 -22.46 -1.84
C GLN C 240 5.93 -21.82 -0.72
N ILE C 241 5.48 -21.78 0.52
CA ILE C 241 6.41 -21.34 1.59
C ILE C 241 6.88 -22.54 2.44
N PHE C 242 6.04 -23.55 2.67
CA PHE C 242 6.41 -24.66 3.56
C PHE C 242 7.62 -25.42 3.00
N LYS C 243 7.54 -25.79 1.72
CA LYS C 243 8.53 -26.68 1.11
C LYS C 243 9.92 -26.02 1.00
N PRO C 244 10.02 -24.77 0.50
CA PRO C 244 11.37 -24.14 0.49
C PRO C 244 11.95 -23.90 1.89
N ILE C 245 11.11 -23.49 2.84
CA ILE C 245 11.60 -23.18 4.21
C ILE C 245 12.13 -24.47 4.84
N ILE C 246 11.34 -25.56 4.76
CA ILE C 246 11.74 -26.81 5.38
C ILE C 246 12.97 -27.40 4.64
N SER C 247 12.99 -27.34 3.31
CA SER C 247 14.17 -27.80 2.58
C SER C 247 15.43 -27.09 3.11
N LYS C 248 15.33 -25.79 3.31
CA LYS C 248 16.47 -24.98 3.73
C LYS C 248 16.83 -25.36 5.17
N VAL C 249 15.83 -25.59 6.01
CA VAL C 249 16.08 -25.96 7.43
C VAL C 249 16.83 -27.31 7.47
N MET C 250 16.36 -28.26 6.66
CA MET C 250 17.00 -29.59 6.59
C MET C 250 18.47 -29.43 6.18
N GLU C 251 18.72 -28.61 5.16
CA GLU C 251 20.06 -28.44 4.59
C GLU C 251 20.99 -27.88 5.66
N MET C 252 20.52 -26.86 6.37
CA MET C 252 21.38 -26.09 7.27
C MET C 252 21.47 -26.80 8.63
N TYR C 253 20.35 -27.31 9.13
CA TYR C 253 20.29 -27.85 10.50
C TYR C 253 20.68 -29.33 10.55
N GLN C 254 20.43 -30.09 9.47
CA GLN C 254 20.83 -31.50 9.35
C GLN C 254 20.44 -32.32 10.60
N PRO C 255 19.14 -32.37 10.91
CA PRO C 255 18.64 -33.08 12.10
C PRO C 255 18.66 -34.61 11.87
N SER C 256 18.74 -35.40 12.94
CA SER C 256 18.70 -36.89 12.81
C SER C 256 17.34 -37.43 13.24
N ALA C 257 16.43 -36.57 13.71
CA ALA C 257 15.04 -36.97 14.01
C ALA C 257 14.09 -35.77 13.81
N VAL C 258 12.84 -36.04 13.47
CA VAL C 258 11.85 -34.99 13.26
C VAL C 258 10.55 -35.28 14.02
N VAL C 259 10.00 -34.22 14.61
CA VAL C 259 8.67 -34.24 15.25
C VAL C 259 7.77 -33.28 14.49
N LEU C 260 6.66 -33.81 13.95
CA LEU C 260 5.68 -33.02 13.17
C LEU C 260 4.34 -32.99 13.92
N GLN C 261 3.99 -31.79 14.39
CA GLN C 261 2.69 -31.49 15.00
C GLN C 261 1.75 -31.11 13.85
N CYS C 262 0.69 -31.90 13.69
CA CYS C 262 -0.17 -31.87 12.54
C CYS C 262 -1.55 -31.32 12.93
N GLY C 263 -1.59 -30.31 13.80
CA GLY C 263 -2.89 -29.76 14.22
C GLY C 263 -3.77 -29.49 13.01
N ALA C 264 -4.98 -30.05 13.02
CA ALA C 264 -5.89 -29.98 11.88
C ALA C 264 -6.75 -28.72 11.92
N ASP C 265 -6.48 -27.81 12.86
CA ASP C 265 -7.25 -26.55 12.92
C ASP C 265 -6.81 -25.47 11.88
N SER C 266 -5.80 -25.77 11.08
CA SER C 266 -5.40 -24.94 9.94
C SER C 266 -6.23 -25.29 8.69
N LEU C 267 -7.19 -26.20 8.82
CA LEU C 267 -8.04 -26.57 7.70
C LEU C 267 -9.18 -25.56 7.52
N SER C 268 -9.52 -25.32 6.27
CA SER C 268 -10.76 -24.65 5.89
C SER C 268 -11.93 -25.16 6.74
N GLY C 269 -12.74 -24.20 7.24
CA GLY C 269 -14.01 -24.53 7.93
C GLY C 269 -13.82 -24.99 9.37
N ASP C 270 -12.64 -24.77 9.96
CA ASP C 270 -12.46 -25.06 11.39
C ASP C 270 -13.19 -24.04 12.26
N ARG C 271 -13.83 -24.49 13.35
CA ARG C 271 -14.68 -23.62 14.19
C ARG C 271 -13.85 -22.49 14.83
N LEU C 272 -12.58 -22.74 15.15
CA LEU C 272 -11.74 -21.69 15.82
C LEU C 272 -10.71 -21.09 14.85
N GLY C 273 -10.40 -21.81 13.76
CA GLY C 273 -9.36 -21.41 12.81
C GLY C 273 -9.91 -20.53 11.68
N CYS C 274 -9.01 -19.87 10.96
CA CYS C 274 -9.36 -18.97 9.86
C CYS C 274 -8.39 -19.14 8.68
N PHE C 275 -7.80 -20.34 8.51
CA PHE C 275 -7.01 -20.70 7.28
C PHE C 275 -7.96 -21.38 6.27
N ASN C 276 -7.46 -21.64 5.07
CA ASN C 276 -8.27 -22.22 4.00
C ASN C 276 -7.57 -23.46 3.43
N LEU C 277 -6.90 -24.27 4.24
CA LEU C 277 -6.21 -25.45 3.70
C LEU C 277 -7.20 -26.60 3.48
N THR C 278 -7.00 -27.39 2.43
CA THR C 278 -7.70 -28.67 2.30
C THR C 278 -6.88 -29.77 2.99
N VAL C 279 -7.48 -30.95 3.08
CA VAL C 279 -6.80 -32.11 3.66
C VAL C 279 -5.57 -32.46 2.82
N LYS C 280 -5.68 -32.26 1.50
CA LYS C 280 -4.55 -32.50 0.59
C LYS C 280 -3.45 -31.47 0.82
N GLY C 281 -3.83 -30.21 1.00
CA GLY C 281 -2.85 -29.17 1.23
C GLY C 281 -2.12 -29.38 2.54
N HIS C 282 -2.89 -29.70 3.59
CA HIS C 282 -2.35 -30.00 4.90
C HIS C 282 -1.36 -31.18 4.78
N ALA C 283 -1.82 -32.26 4.12
CA ALA C 283 -1.07 -33.53 4.10
C ALA C 283 0.18 -33.43 3.23
N LYS C 284 0.24 -32.49 2.28
CA LYS C 284 1.45 -32.28 1.49
C LYS C 284 2.64 -31.96 2.41
N CYS C 285 2.38 -31.29 3.52
CA CYS C 285 3.44 -31.04 4.52
C CYS C 285 4.05 -32.37 5.00
N VAL C 286 3.19 -33.36 5.29
CA VAL C 286 3.62 -34.69 5.74
C VAL C 286 4.50 -35.34 4.65
N GLU C 287 4.06 -35.27 3.39
CA GLU C 287 4.78 -35.90 2.28
C GLU C 287 6.17 -35.25 2.12
N VAL C 288 6.23 -33.91 2.23
CA VAL C 288 7.50 -33.16 2.09
C VAL C 288 8.49 -33.61 3.17
N VAL C 289 8.02 -33.81 4.41
CA VAL C 289 8.89 -34.19 5.56
C VAL C 289 9.38 -35.64 5.40
N LYS C 290 8.57 -36.54 4.83
CA LYS C 290 8.96 -37.96 4.63
C LYS C 290 10.09 -38.11 3.60
N THR C 291 10.15 -37.25 2.58
CA THR C 291 11.20 -37.34 1.54
C THR C 291 12.61 -37.17 2.13
N PHE C 292 12.75 -36.65 3.36
CA PHE C 292 14.10 -36.46 3.95
C PHE C 292 14.54 -37.77 4.65
N ASN C 293 13.60 -38.71 4.86
CA ASN C 293 13.93 -40.10 5.23
C ASN C 293 14.52 -40.16 6.66
N LEU C 294 13.96 -39.36 7.55
CA LEU C 294 14.45 -39.26 8.91
C LEU C 294 13.40 -39.88 9.84
N PRO C 295 13.85 -40.46 10.96
CA PRO C 295 12.95 -40.87 12.04
C PRO C 295 11.93 -39.76 12.32
N LEU C 296 10.64 -40.11 12.36
CA LEU C 296 9.57 -39.11 12.36
C LEU C 296 8.47 -39.50 13.37
N LEU C 297 8.24 -38.59 14.32
CA LEU C 297 7.12 -38.69 15.24
C LEU C 297 6.04 -37.72 14.76
N MET C 298 4.88 -38.27 14.35
CA MET C 298 3.75 -37.46 13.89
C MET C 298 2.69 -37.39 14.99
N LEU C 299 2.28 -36.19 15.33
CA LEU C 299 1.40 -35.91 16.47
C LEU C 299 0.18 -35.10 16.01
N GLY C 300 -0.89 -35.21 16.79
CA GLY C 300 -2.07 -34.38 16.59
C GLY C 300 -1.82 -32.94 17.03
N GLY C 301 -2.91 -32.30 17.40
CA GLY C 301 -2.92 -30.90 17.77
C GLY C 301 -4.36 -30.43 17.88
N GLY C 302 -4.57 -29.14 17.70
CA GLY C 302 -5.91 -28.58 17.66
C GLY C 302 -6.68 -29.10 16.46
N GLY C 303 -7.98 -28.83 16.48
CA GLY C 303 -8.89 -29.23 15.40
C GLY C 303 -10.28 -29.37 15.98
N TYR C 304 -11.21 -28.55 15.47
CA TYR C 304 -12.48 -28.29 16.16
C TYR C 304 -13.69 -28.49 15.23
N THR C 305 -13.48 -28.78 13.95
CA THR C 305 -14.56 -29.36 13.11
C THR C 305 -14.24 -30.86 12.99
N ILE C 306 -14.84 -31.69 13.84
CA ILE C 306 -14.20 -32.97 14.16
C ILE C 306 -14.31 -33.95 12.98
N ARG C 307 -15.34 -33.86 12.13
CA ARG C 307 -15.37 -34.68 10.89
C ARG C 307 -14.15 -34.37 10.01
N ASN C 308 -13.67 -33.13 9.99
CA ASN C 308 -12.53 -32.78 9.12
C ASN C 308 -11.22 -33.17 9.81
N VAL C 309 -11.19 -33.11 11.15
CA VAL C 309 -10.05 -33.65 11.89
C VAL C 309 -9.88 -35.13 11.52
N ALA C 310 -10.97 -35.88 11.60
CA ALA C 310 -10.95 -37.32 11.32
C ALA C 310 -10.47 -37.56 9.88
N ARG C 311 -10.97 -36.77 8.94
CA ARG C 311 -10.59 -36.87 7.52
C ARG C 311 -9.08 -36.64 7.37
N CYS C 312 -8.61 -35.59 8.01
CA CYS C 312 -7.24 -35.11 7.86
C CYS C 312 -6.24 -36.15 8.37
N TRP C 313 -6.47 -36.64 9.60
CA TRP C 313 -5.51 -37.53 10.27
C TRP C 313 -5.62 -38.95 9.68
N THR C 314 -6.79 -39.31 9.19
CA THR C 314 -6.93 -40.57 8.48
C THR C 314 -6.01 -40.53 7.24
N TYR C 315 -6.18 -39.47 6.43
CA TYR C 315 -5.42 -39.32 5.18
C TYR C 315 -3.92 -39.21 5.49
N GLU C 316 -3.55 -38.54 6.57
CA GLU C 316 -2.13 -38.36 6.85
C GLU C 316 -1.53 -39.68 7.36
N THR C 317 -2.35 -40.56 7.96
CA THR C 317 -1.90 -41.93 8.29
C THR C 317 -1.61 -42.70 6.99
N ALA C 318 -2.42 -42.48 5.97
CA ALA C 318 -2.25 -43.21 4.68
C ALA C 318 -1.00 -42.68 3.95
N VAL C 319 -0.77 -41.37 4.03
CA VAL C 319 0.45 -40.74 3.52
C VAL C 319 1.67 -41.40 4.22
N ALA C 320 1.61 -41.52 5.55
CA ALA C 320 2.68 -42.22 6.30
C ALA C 320 2.90 -43.63 5.72
N LEU C 321 1.84 -44.34 5.37
CA LEU C 321 1.95 -45.74 4.95
C LEU C 321 2.15 -45.86 3.42
N ASP C 322 2.25 -44.74 2.70
CA ASP C 322 2.26 -44.76 1.22
C ASP C 322 1.11 -45.57 0.65
N CYS C 323 -0.09 -45.32 1.17
CA CYS C 323 -1.28 -46.08 0.77
C CYS C 323 -2.34 -45.10 0.27
N GLU C 324 -2.59 -45.13 -1.04
CA GLU C 324 -3.64 -44.31 -1.65
C GLU C 324 -4.99 -44.89 -1.21
N ILE C 325 -5.88 -44.02 -0.75
CA ILE C 325 -7.16 -44.49 -0.25
C ILE C 325 -8.27 -43.77 -1.03
N PRO C 326 -9.35 -44.51 -1.41
CA PRO C 326 -10.48 -43.92 -2.13
C PRO C 326 -11.03 -42.67 -1.42
N ASN C 327 -11.50 -41.73 -2.23
CA ASN C 327 -12.20 -40.54 -1.75
C ASN C 327 -13.57 -40.94 -1.18
N GLU C 328 -14.14 -42.05 -1.65
CA GLU C 328 -15.40 -42.58 -1.10
C GLU C 328 -15.12 -43.12 0.32
N LEU C 329 -15.77 -42.56 1.33
CA LEU C 329 -15.55 -43.02 2.70
C LEU C 329 -16.13 -44.43 2.86
N PRO C 330 -15.39 -45.32 3.54
CA PRO C 330 -15.94 -46.64 3.85
C PRO C 330 -16.95 -46.47 5.00
N TYR C 331 -17.90 -47.39 5.12
CA TYR C 331 -18.84 -47.32 6.22
C TYR C 331 -18.07 -47.36 7.55
N ASN C 332 -18.59 -46.66 8.54
CA ASN C 332 -17.96 -46.60 9.86
C ASN C 332 -19.03 -46.24 10.90
N ASP C 333 -18.65 -46.31 12.18
CA ASP C 333 -19.55 -45.98 13.30
C ASP C 333 -20.07 -44.53 13.35
N TYR C 334 -19.42 -43.61 12.64
CA TYR C 334 -19.79 -42.19 12.64
C TYR C 334 -20.14 -41.73 11.21
N PHE C 335 -20.60 -42.65 10.36
CA PHE C 335 -20.75 -42.40 8.91
C PHE C 335 -21.55 -41.11 8.66
N GLU C 336 -22.70 -40.98 9.35
CA GLU C 336 -23.64 -39.86 9.16
C GLU C 336 -23.00 -38.50 9.50
N TYR C 337 -21.85 -38.51 10.21
CA TYR C 337 -21.13 -37.26 10.53
C TYR C 337 -20.50 -36.65 9.26
N PHE C 338 -20.26 -37.48 8.24
CA PHE C 338 -19.52 -37.02 7.06
C PHE C 338 -20.47 -36.65 5.92
N GLY C 339 -21.79 -36.60 6.18
CA GLY C 339 -22.76 -36.18 5.16
C GLY C 339 -22.69 -34.68 4.89
N PRO C 340 -23.40 -34.20 3.87
CA PRO C 340 -24.25 -35.02 3.02
C PRO C 340 -23.50 -35.70 1.86
N ASP C 341 -22.21 -35.42 1.68
CA ASP C 341 -21.48 -35.92 0.51
C ASP C 341 -20.51 -37.09 0.79
N PHE C 342 -20.19 -37.33 2.06
CA PHE C 342 -19.55 -38.60 2.54
C PHE C 342 -18.24 -38.89 1.79
N LYS C 343 -17.47 -37.83 1.47
CA LYS C 343 -16.17 -37.97 0.81
C LYS C 343 -15.03 -37.70 1.82
N LEU C 344 -13.85 -38.19 1.50
CA LEU C 344 -12.69 -38.05 2.38
C LEU C 344 -12.11 -36.62 2.30
N HIS C 345 -12.10 -36.07 1.08
CA HIS C 345 -11.43 -34.80 0.82
C HIS C 345 -12.45 -33.65 0.92
N ILE C 346 -11.96 -32.43 1.19
CA ILE C 346 -12.81 -31.23 1.39
C ILE C 346 -12.44 -30.12 0.39
N SER C 347 -13.44 -29.31 0.08
CA SER C 347 -13.27 -28.11 -0.70
C SER C 347 -12.92 -26.94 0.23
N PRO C 348 -12.06 -26.00 -0.25
CA PRO C 348 -11.83 -24.73 0.45
C PRO C 348 -13.03 -23.80 0.27
N SER C 349 -13.14 -22.81 1.16
CA SER C 349 -14.16 -21.74 1.04
C SER C 349 -13.67 -20.73 0.00
N ASN C 350 -14.45 -19.67 -0.25
CA ASN C 350 -13.99 -18.58 -1.12
C ASN C 350 -13.46 -17.42 -0.27
N MET C 351 -13.07 -17.68 0.98
CA MET C 351 -12.64 -16.59 1.87
C MET C 351 -11.39 -15.93 1.28
N THR C 352 -11.21 -14.63 1.56
CA THR C 352 -10.08 -13.86 1.03
C THR C 352 -8.77 -14.33 1.68
N ASN C 353 -7.73 -14.55 0.86
CA ASN C 353 -6.38 -14.75 1.39
C ASN C 353 -5.82 -13.37 1.73
N GLN C 354 -5.66 -13.09 3.02
CA GLN C 354 -5.21 -11.76 3.48
C GLN C 354 -3.66 -11.69 3.47
N ASN C 355 -2.99 -12.79 3.11
CA ASN C 355 -1.53 -12.83 2.96
C ASN C 355 -1.13 -12.36 1.56
N THR C 356 -0.74 -11.09 1.42
CA THR C 356 -0.40 -10.54 0.12
C THR C 356 0.93 -11.14 -0.38
N PRO C 357 1.08 -11.27 -1.71
CA PRO C 357 2.38 -11.69 -2.24
C PRO C 357 3.59 -10.94 -1.64
N GLU C 358 3.47 -9.61 -1.46
CA GLU C 358 4.57 -8.81 -0.90
C GLU C 358 4.87 -9.24 0.55
N TYR C 359 3.82 -9.40 1.35
CA TYR C 359 3.98 -9.78 2.74
C TYR C 359 4.69 -11.14 2.83
N MET C 360 4.20 -12.10 2.05
CA MET C 360 4.72 -13.48 2.10
CA MET C 360 4.70 -13.48 2.08
C MET C 360 6.18 -13.49 1.64
N GLU C 361 6.52 -12.69 0.63
CA GLU C 361 7.91 -12.62 0.15
C GLU C 361 8.83 -12.05 1.24
N LYS C 362 8.36 -10.97 1.90
CA LYS C 362 9.13 -10.26 2.94
C LYS C 362 9.48 -11.20 4.11
N ILE C 363 8.47 -11.91 4.64
CA ILE C 363 8.67 -12.85 5.74
C ILE C 363 9.70 -13.90 5.31
N LYS C 364 9.52 -14.42 4.09
CA LYS C 364 10.33 -15.52 3.53
C LYS C 364 11.80 -15.06 3.42
N GLN C 365 12.01 -13.86 2.87
CA GLN C 365 13.36 -13.31 2.73
C GLN C 365 14.05 -13.24 4.09
N ARG C 366 13.31 -12.79 5.11
CA ARG C 366 13.86 -12.65 6.48
C ARG C 366 14.22 -14.03 7.05
N LEU C 367 13.40 -15.07 6.81
CA LEU C 367 13.70 -16.40 7.36
C LEU C 367 14.96 -17.01 6.70
N PHE C 368 15.10 -16.84 5.38
CA PHE C 368 16.27 -17.36 4.64
C PHE C 368 17.55 -16.69 5.15
N GLU C 369 17.48 -15.39 5.41
CA GLU C 369 18.57 -14.62 6.05
C GLU C 369 18.96 -15.29 7.38
N ASN C 370 17.94 -15.54 8.21
CA ASN C 370 18.10 -16.11 9.57
C ASN C 370 18.76 -17.51 9.49
N LEU C 371 18.31 -18.31 8.53
CA LEU C 371 18.82 -19.68 8.35
C LEU C 371 20.26 -19.66 7.80
N ARG C 372 20.63 -18.59 7.09
CA ARG C 372 22.00 -18.47 6.57
C ARG C 372 22.99 -18.31 7.74
N MET C 373 22.52 -17.80 8.88
CA MET C 373 23.39 -17.53 10.04
C MET C 373 23.75 -18.85 10.78
N LEU C 374 23.16 -20.00 10.41
CA LEU C 374 23.59 -21.32 10.94
C LEU C 374 25.00 -21.66 10.40
N PRO C 375 25.80 -22.42 11.18
CA PRO C 375 27.23 -22.65 10.86
C PRO C 375 27.40 -23.42 9.54
#